data_5US8
#
_entry.id   5US8
#
_cell.length_a   94.453
_cell.length_b   94.453
_cell.length_c   188.490
_cell.angle_alpha   90.00
_cell.angle_beta   90.00
_cell.angle_gamma   120.00
#
_symmetry.space_group_name_H-M   'P 64'
#
loop_
_entity.id
_entity.type
_entity.pdbx_description
1 polymer 'Argininosuccinate synthase'
2 non-polymer '4-(2-HYDROXYETHYL)-1-PIPERAZINE ETHANESULFONIC ACID'
3 non-polymer 'TRIETHYLENE GLYCOL'
4 non-polymer ADENOSINE
5 non-polymer 'SULFATE ION'
6 water water
#
_entity_poly.entity_id   1
_entity_poly.type   'polypeptide(L)'
_entity_poly.pdbx_seq_one_letter_code
;SNAMTTILPNLPTGQKVGIAFSGGLDTSAALLWMRQKGAVPYAYTANLGQPDEPDYDEIPRRAMQYGAEAARLVDCRAQL
VAEGIAALQAGAFHISTAGLTYFNTTPIGRAVTGTMLVAAMKEDGVNIWGDGSTFKGNDIERFYRYGLLTNPDLKIYKPW
LDQTFIDELGGRAEMSEYMRQAGFDYKMSAEKAYSTDSNMLGATHEAKDLELLSAGIRIVQPIMGVAFWQDSVQIKAEEV
TVRFEEGQPVALNGVEYADPVELLLEANRIGGRHGLGMSDQIENRIIEAKSRGIYEAPGLALLFIAYERLVTGIHNEDTI
EQYRENGRKLGRLLYQGRWFDPQAIMLRETAQRWVARAITGEVTLELRRGNDYSLLNTESANLTYAPERLSMEKVENAPF
TPADRIGQLTMRNLDIVDTREKLFTYVKTGLLAPSAGSALPQIKDGKK
;
_entity_poly.pdbx_strand_id   A,B
#
# COMPACT_ATOMS: atom_id res chain seq x y z
N SER A 1 -3.35 -33.62 33.54
CA SER A 1 -2.11 -33.62 32.69
C SER A 1 -1.66 -35.04 32.30
N ASN A 2 -0.90 -35.10 31.21
CA ASN A 2 -0.37 -36.35 30.70
C ASN A 2 0.99 -36.13 30.03
N ALA A 3 1.60 -37.25 29.67
CA ALA A 3 2.96 -37.28 29.06
C ALA A 3 3.09 -36.42 27.81
N MET A 4 1.99 -36.28 27.04
CA MET A 4 1.99 -35.48 25.81
C MET A 4 1.54 -34.01 26.04
N THR A 5 1.36 -33.60 27.31
CA THR A 5 1.04 -32.20 27.58
C THR A 5 2.34 -31.42 27.28
N THR A 6 2.26 -30.44 26.39
CA THR A 6 3.42 -29.66 25.98
C THR A 6 4.02 -28.80 27.10
N ILE A 7 3.16 -28.03 27.77
CA ILE A 7 3.60 -27.10 28.80
C ILE A 7 3.94 -27.76 30.15
N LEU A 8 5.14 -27.44 30.65
CA LEU A 8 5.60 -27.90 31.97
C LEU A 8 5.55 -26.67 32.90
N PRO A 9 4.78 -26.73 34.00
CA PRO A 9 4.70 -25.57 34.90
C PRO A 9 5.82 -25.52 35.96
N ASN A 10 6.55 -26.62 36.13
CA ASN A 10 7.62 -26.75 37.14
C ASN A 10 8.97 -27.01 36.49
N LEU A 11 10.01 -26.49 37.12
CA LEU A 11 11.36 -26.68 36.64
C LEU A 11 11.67 -28.18 36.58
N PRO A 12 12.11 -28.68 35.41
CA PRO A 12 12.45 -30.11 35.35
C PRO A 12 13.86 -30.35 35.91
N THR A 13 13.92 -30.62 37.22
CA THR A 13 15.18 -30.85 37.92
C THR A 13 15.95 -32.02 37.32
N GLY A 14 17.26 -31.86 37.19
CA GLY A 14 18.13 -32.90 36.65
C GLY A 14 18.01 -33.17 35.15
N GLN A 15 17.19 -32.40 34.45
CA GLN A 15 17.01 -32.60 33.01
C GLN A 15 17.64 -31.49 32.19
N LYS A 16 17.90 -31.80 30.92
CA LYS A 16 18.47 -30.85 29.98
C LYS A 16 17.39 -29.86 29.53
N VAL A 17 17.66 -28.57 29.70
CA VAL A 17 16.71 -27.52 29.34
C VAL A 17 17.38 -26.49 28.46
N GLY A 18 16.82 -26.32 27.26
CA GLY A 18 17.33 -25.36 26.29
C GLY A 18 16.82 -23.96 26.58
N ILE A 19 17.68 -22.97 26.34
CA ILE A 19 17.35 -21.58 26.52
C ILE A 19 17.80 -20.79 25.30
N ALA A 20 16.89 -20.00 24.73
CA ALA A 20 17.24 -19.10 23.64
C ALA A 20 17.95 -17.97 24.36
N PHE A 21 19.27 -18.09 24.43
CA PHE A 21 20.08 -17.17 25.22
C PHE A 21 20.55 -15.92 24.45
N SER A 22 19.76 -14.85 24.54
CA SER A 22 20.08 -13.57 23.92
C SER A 22 21.16 -12.87 24.74
N GLY A 23 21.25 -13.21 26.03
CA GLY A 23 22.25 -12.63 26.91
C GLY A 23 21.83 -11.37 27.63
N GLY A 24 20.56 -11.00 27.48
CA GLY A 24 19.97 -9.86 28.18
C GLY A 24 19.73 -10.29 29.61
N LEU A 25 19.16 -9.40 30.42
CA LEU A 25 18.92 -9.68 31.84
C LEU A 25 18.02 -10.89 32.10
N ASP A 26 16.90 -10.94 31.39
CA ASP A 26 15.93 -12.03 31.57
C ASP A 26 16.54 -13.42 31.37
N THR A 27 17.20 -13.64 30.23
CA THR A 27 17.81 -14.94 29.94
C THR A 27 19.03 -15.23 30.81
N SER A 28 19.81 -14.19 31.14
CA SER A 28 20.97 -14.37 32.02
C SER A 28 20.55 -14.85 33.41
N ALA A 29 19.58 -14.16 34.00
CA ALA A 29 19.09 -14.52 35.34
C ALA A 29 18.40 -15.89 35.33
N ALA A 30 17.56 -16.12 34.31
CA ALA A 30 16.85 -17.40 34.19
C ALA A 30 17.84 -18.56 34.11
N LEU A 31 18.87 -18.42 33.27
CA LEU A 31 19.86 -19.50 33.10
C LEU A 31 20.56 -19.81 34.41
N LEU A 32 20.98 -18.77 35.10
CA LEU A 32 21.64 -18.92 36.38
C LEU A 32 20.70 -19.57 37.39
N TRP A 33 19.45 -19.11 37.41
CA TRP A 33 18.44 -19.65 38.33
C TRP A 33 18.17 -21.14 38.05
N MET A 34 17.99 -21.49 36.78
CA MET A 34 17.74 -22.89 36.41
C MET A 34 18.87 -23.81 36.86
N ARG A 35 20.11 -23.37 36.71
CA ARG A 35 21.25 -24.18 37.15
C ARG A 35 21.24 -24.34 38.67
N GLN A 36 21.09 -23.22 39.38
CA GLN A 36 21.03 -23.20 40.85
C GLN A 36 19.95 -24.15 41.38
N LYS A 37 18.81 -24.21 40.69
CA LYS A 37 17.69 -25.07 41.11
C LYS A 37 17.79 -26.53 40.66
N GLY A 38 18.88 -26.90 39.97
CA GLY A 38 19.09 -28.31 39.61
C GLY A 38 18.92 -28.72 38.16
N ALA A 39 18.42 -27.85 37.30
CA ALA A 39 18.29 -28.19 35.87
C ALA A 39 19.67 -28.12 35.21
N VAL A 40 19.78 -28.67 33.99
CA VAL A 40 21.03 -28.68 33.24
C VAL A 40 20.80 -27.83 31.96
N PRO A 41 21.12 -26.52 32.03
CA PRO A 41 20.81 -25.66 30.88
C PRO A 41 21.80 -25.65 29.73
N TYR A 42 21.25 -25.65 28.51
CA TYR A 42 22.00 -25.57 27.27
C TYR A 42 21.59 -24.25 26.63
N ALA A 43 22.56 -23.38 26.38
CA ALA A 43 22.31 -22.07 25.80
C ALA A 43 22.53 -22.05 24.29
N TYR A 44 21.60 -21.42 23.58
CA TYR A 44 21.67 -21.27 22.12
C TYR A 44 21.40 -19.81 21.82
N THR A 45 22.39 -19.14 21.24
CA THR A 45 22.30 -17.73 20.89
C THR A 45 22.16 -17.60 19.39
N ALA A 46 21.07 -17.01 18.94
CA ALA A 46 20.84 -16.85 17.53
C ALA A 46 21.62 -15.68 16.96
N ASN A 47 22.46 -15.95 15.97
CA ASN A 47 23.12 -14.86 15.28
C ASN A 47 22.10 -14.40 14.22
N LEU A 48 21.46 -13.25 14.48
CA LEU A 48 20.44 -12.66 13.60
C LEU A 48 20.92 -11.40 12.84
N GLY A 49 22.22 -11.14 12.91
CA GLY A 49 22.80 -9.93 12.32
C GLY A 49 22.22 -8.69 12.94
N GLN A 50 21.94 -8.73 14.24
CA GLN A 50 21.33 -7.59 14.92
C GLN A 50 22.18 -6.32 14.76
N PRO A 51 21.55 -5.23 14.33
CA PRO A 51 22.29 -4.00 14.09
C PRO A 51 22.87 -3.38 15.35
N ASP A 52 22.30 -3.72 16.52
CA ASP A 52 22.75 -3.19 17.82
C ASP A 52 23.59 -4.19 18.64
N GLU A 53 23.99 -5.32 18.02
CA GLU A 53 24.81 -6.32 18.71
C GLU A 53 26.29 -6.17 18.30
N PRO A 54 27.14 -5.70 19.22
CA PRO A 54 28.55 -5.51 18.88
C PRO A 54 29.40 -6.79 18.80
N ASP A 55 29.08 -7.81 19.59
CA ASP A 55 29.92 -9.03 19.64
C ASP A 55 29.18 -10.31 20.09
N TYR A 56 28.68 -11.06 19.11
CA TYR A 56 27.96 -12.31 19.40
C TYR A 56 28.80 -13.38 20.14
N ASP A 57 30.09 -13.48 19.84
CA ASP A 57 30.98 -14.47 20.49
C ASP A 57 31.06 -14.36 22.02
N GLU A 58 30.90 -13.14 22.53
CA GLU A 58 30.95 -12.88 23.95
C GLU A 58 29.76 -13.49 24.72
N ILE A 59 28.63 -13.67 24.05
CA ILE A 59 27.40 -14.14 24.70
C ILE A 59 27.48 -15.60 25.22
N PRO A 60 27.88 -16.57 24.37
CA PRO A 60 28.03 -17.95 24.87
C PRO A 60 29.03 -18.03 26.02
N ARG A 61 30.09 -17.23 25.93
CA ARG A 61 31.10 -17.17 26.99
C ARG A 61 30.49 -16.78 28.33
N ARG A 62 29.53 -15.85 28.33
CA ARG A 62 28.83 -15.48 29.58
C ARG A 62 27.90 -16.57 30.05
N ALA A 63 27.26 -17.28 29.11
CA ALA A 63 26.36 -18.38 29.47
C ALA A 63 27.14 -19.43 30.26
N MET A 64 28.36 -19.72 29.83
CA MET A 64 29.24 -20.68 30.52
C MET A 64 29.64 -20.14 31.90
N GLN A 65 29.91 -18.85 32.01
CA GLN A 65 30.22 -18.24 33.33
C GLN A 65 29.03 -18.45 34.28
N TYR A 66 27.80 -18.31 33.76
CA TYR A 66 26.59 -18.47 34.58
C TYR A 66 26.23 -19.93 34.90
N GLY A 67 27.03 -20.88 34.42
CA GLY A 67 26.81 -22.29 34.71
C GLY A 67 26.10 -23.12 33.65
N ALA A 68 26.09 -22.64 32.41
CA ALA A 68 25.47 -23.41 31.33
C ALA A 68 26.30 -24.67 31.11
N GLU A 69 25.63 -25.79 30.83
CA GLU A 69 26.32 -27.04 30.53
C GLU A 69 27.05 -26.89 29.20
N ALA A 70 26.42 -26.19 28.28
CA ALA A 70 27.02 -25.92 26.96
C ALA A 70 26.37 -24.64 26.43
N ALA A 71 27.06 -23.96 25.52
CA ALA A 71 26.58 -22.72 24.96
C ALA A 71 27.17 -22.54 23.57
N ARG A 72 26.31 -22.25 22.62
CA ARG A 72 26.75 -22.06 21.24
C ARG A 72 25.97 -21.00 20.51
N LEU A 73 26.57 -20.56 19.42
CA LEU A 73 26.03 -19.55 18.56
C LEU A 73 25.45 -20.29 17.35
N VAL A 74 24.16 -20.09 17.07
CA VAL A 74 23.52 -20.69 15.90
C VAL A 74 23.38 -19.57 14.89
N ASP A 75 24.03 -19.72 13.73
CA ASP A 75 23.96 -18.69 12.70
C ASP A 75 22.65 -18.75 11.91
N CYS A 76 21.76 -17.81 12.16
CA CYS A 76 20.47 -17.77 11.51
C CYS A 76 20.39 -16.72 10.38
N ARG A 77 21.51 -16.08 10.04
CA ARG A 77 21.46 -15.00 9.05
C ARG A 77 21.03 -15.40 7.65
N ALA A 78 21.61 -16.47 7.11
CA ALA A 78 21.27 -16.97 5.77
C ALA A 78 19.76 -17.27 5.65
N GLN A 79 19.22 -17.98 6.64
N GLN A 79 19.23 -17.98 6.65
CA GLN A 79 17.80 -18.34 6.66
CA GLN A 79 17.81 -18.35 6.66
C GLN A 79 16.89 -17.13 6.80
C GLN A 79 16.89 -17.13 6.81
N LEU A 80 17.28 -16.22 7.69
CA LEU A 80 16.55 -14.98 7.90
C LEU A 80 16.42 -14.20 6.60
N VAL A 81 17.53 -14.10 5.85
CA VAL A 81 17.51 -13.39 4.57
C VAL A 81 16.69 -14.16 3.52
N ALA A 82 16.82 -15.48 3.49
CA ALA A 82 16.04 -16.28 2.53
C ALA A 82 14.52 -16.14 2.80
N GLU A 83 14.12 -16.15 4.06
CA GLU A 83 12.70 -16.02 4.41
C GLU A 83 12.21 -14.59 4.15
N GLY A 84 13.10 -13.63 4.39
CA GLY A 84 12.82 -12.23 4.12
C GLY A 84 12.61 -12.00 2.64
N ILE A 85 13.45 -12.63 1.82
CA ILE A 85 13.32 -12.53 0.37
C ILE A 85 12.03 -13.21 -0.12
N ALA A 86 11.67 -14.34 0.48
CA ALA A 86 10.44 -15.06 0.13
C ALA A 86 9.22 -14.19 0.45
N ALA A 87 9.24 -13.54 1.62
CA ALA A 87 8.15 -12.65 2.02
C ALA A 87 8.02 -11.50 1.03
N LEU A 88 9.18 -10.94 0.68
CA LEU A 88 9.24 -9.85 -0.29
C LEU A 88 8.64 -10.26 -1.62
N GLN A 89 9.05 -11.44 -2.10
CA GLN A 89 8.59 -11.94 -3.39
C GLN A 89 7.08 -12.11 -3.41
N ALA A 90 6.51 -12.48 -2.28
CA ALA A 90 5.09 -12.70 -2.14
C ALA A 90 4.30 -11.50 -1.63
N GLY A 91 4.97 -10.35 -1.43
CA GLY A 91 4.31 -9.15 -0.90
C GLY A 91 3.55 -9.49 0.36
N ALA A 92 4.14 -10.31 1.23
CA ALA A 92 3.50 -10.84 2.43
C ALA A 92 3.48 -9.86 3.62
N PHE A 93 2.90 -8.69 3.38
CA PHE A 93 2.84 -7.58 4.32
C PHE A 93 1.40 -7.08 4.40
N HIS A 94 0.80 -7.30 5.56
CA HIS A 94 -0.59 -6.99 5.83
C HIS A 94 -0.80 -5.79 6.74
N ILE A 95 0.29 -5.23 7.28
CA ILE A 95 0.20 -4.09 8.18
C ILE A 95 0.75 -2.90 7.43
N SER A 96 -0.13 -1.93 7.20
CA SER A 96 0.26 -0.73 6.46
C SER A 96 -0.69 0.40 6.84
N THR A 97 -0.24 1.63 6.63
CA THR A 97 -1.00 2.86 6.93
C THR A 97 -0.78 3.83 5.75
N ALA A 98 -1.83 4.04 4.97
CA ALA A 98 -1.77 4.88 3.76
C ALA A 98 -0.59 4.47 2.87
N GLY A 99 -0.47 3.16 2.66
CA GLY A 99 0.59 2.59 1.83
C GLY A 99 1.93 2.32 2.53
N LEU A 100 2.24 3.03 3.62
CA LEU A 100 3.50 2.79 4.32
C LEU A 100 3.45 1.44 4.98
N THR A 101 4.38 0.58 4.60
CA THR A 101 4.34 -0.82 4.98
C THR A 101 5.29 -1.28 6.08
N TYR A 102 4.78 -2.16 6.94
CA TYR A 102 5.59 -2.85 7.93
C TYR A 102 5.96 -4.19 7.28
N PHE A 103 7.26 -4.49 7.20
CA PHE A 103 7.71 -5.70 6.50
C PHE A 103 7.70 -7.01 7.30
N ASN A 104 6.88 -7.07 8.36
CA ASN A 104 6.75 -8.27 9.18
C ASN A 104 8.08 -8.86 9.63
N THR A 105 9.04 -7.99 9.94
CA THR A 105 10.38 -8.44 10.33
C THR A 105 10.42 -9.22 11.66
N THR A 106 9.55 -8.89 12.60
CA THR A 106 9.48 -9.63 13.87
C THR A 106 8.94 -11.05 13.62
N PRO A 107 7.73 -11.18 12.98
CA PRO A 107 7.25 -12.53 12.69
C PRO A 107 8.19 -13.42 11.85
N ILE A 108 8.88 -12.85 10.87
CA ILE A 108 9.84 -13.62 10.05
C ILE A 108 10.96 -14.12 10.96
N GLY A 109 11.47 -13.21 11.82
CA GLY A 109 12.50 -13.55 12.79
C GLY A 109 12.11 -14.71 13.68
N ARG A 110 10.88 -14.70 14.20
CA ARG A 110 10.40 -15.80 15.07
C ARG A 110 10.26 -17.12 14.34
N ALA A 111 9.88 -17.07 13.06
CA ALA A 111 9.76 -18.29 12.27
C ALA A 111 11.14 -18.95 12.11
N VAL A 112 12.18 -18.12 12.01
CA VAL A 112 13.53 -18.60 11.83
C VAL A 112 14.13 -19.14 13.14
N THR A 113 14.05 -18.37 14.23
CA THR A 113 14.64 -18.82 15.50
C THR A 113 13.82 -19.90 16.18
N GLY A 114 12.50 -19.84 16.03
CA GLY A 114 11.63 -20.85 16.60
C GLY A 114 11.90 -22.24 16.04
N THR A 115 12.25 -22.32 14.76
CA THR A 115 12.55 -23.59 14.14
C THR A 115 14.02 -23.95 14.32
N MET A 116 14.91 -23.01 14.00
CA MET A 116 16.36 -23.27 14.08
C MET A 116 16.92 -23.51 15.49
N LEU A 117 16.46 -22.79 16.48
CA LEU A 117 16.98 -23.03 17.83
C LEU A 117 16.47 -24.38 18.38
N VAL A 118 15.22 -24.73 18.07
CA VAL A 118 14.65 -26.01 18.51
C VAL A 118 15.38 -27.19 17.86
N ALA A 119 15.73 -27.03 16.58
CA ALA A 119 16.48 -28.07 15.86
C ALA A 119 17.86 -28.25 16.44
N ALA A 120 18.51 -27.12 16.79
CA ALA A 120 19.82 -27.16 17.41
C ALA A 120 19.72 -27.90 18.77
N MET A 121 18.68 -27.58 19.55
CA MET A 121 18.45 -28.26 20.82
C MET A 121 18.29 -29.79 20.60
N LYS A 122 17.51 -30.17 19.61
CA LYS A 122 17.26 -31.58 19.32
C LYS A 122 18.57 -32.32 19.04
N GLU A 123 19.45 -31.74 18.22
CA GLU A 123 20.72 -32.39 17.88
C GLU A 123 21.56 -32.66 19.11
N ASP A 124 21.46 -31.81 20.14
CA ASP A 124 22.19 -32.03 21.37
C ASP A 124 21.40 -32.91 22.37
N GLY A 125 20.29 -33.52 21.94
CA GLY A 125 19.48 -34.35 22.83
C GLY A 125 18.67 -33.55 23.86
N VAL A 126 18.36 -32.29 23.51
CA VAL A 126 17.60 -31.38 24.39
C VAL A 126 16.17 -31.27 23.86
N ASN A 127 15.22 -31.78 24.65
CA ASN A 127 13.81 -31.84 24.26
C ASN A 127 12.90 -30.99 25.13
N ILE A 128 13.51 -30.10 25.91
CA ILE A 128 12.77 -29.16 26.75
C ILE A 128 13.30 -27.77 26.49
N TRP A 129 12.38 -26.85 26.19
CA TRP A 129 12.73 -25.47 25.94
C TRP A 129 12.16 -24.62 27.06
N GLY A 130 13.07 -24.00 27.82
CA GLY A 130 12.70 -23.06 28.88
C GLY A 130 12.52 -21.71 28.19
N ASP A 131 11.32 -21.50 27.66
CA ASP A 131 11.00 -20.29 26.90
C ASP A 131 10.28 -19.28 27.76
N GLY A 132 10.95 -18.14 27.98
CA GLY A 132 10.39 -17.06 28.79
C GLY A 132 9.39 -16.15 28.09
N SER A 133 9.13 -16.35 26.79
CA SER A 133 8.18 -15.47 26.06
C SER A 133 6.89 -15.30 26.89
N THR A 134 6.46 -14.06 27.08
CA THR A 134 5.37 -13.72 28.01
C THR A 134 3.96 -14.12 27.63
N PHE A 135 3.10 -14.16 28.65
CA PHE A 135 1.70 -14.58 28.49
C PHE A 135 0.79 -13.59 27.74
N LYS A 136 1.23 -12.35 27.57
CA LYS A 136 0.41 -11.32 26.92
C LYS A 136 0.83 -10.96 25.48
N GLY A 137 1.95 -11.50 25.00
CA GLY A 137 2.45 -11.18 23.65
C GLY A 137 2.04 -12.16 22.56
N ASN A 138 2.63 -11.98 21.37
CA ASN A 138 2.41 -12.84 20.20
C ASN A 138 3.38 -14.03 20.18
N ASP A 139 4.60 -13.79 20.64
CA ASP A 139 5.65 -14.81 20.54
C ASP A 139 5.40 -16.11 21.28
N ILE A 140 4.66 -16.07 22.37
CA ILE A 140 4.34 -17.30 23.10
C ILE A 140 3.65 -18.28 22.15
N GLU A 141 2.74 -17.79 21.32
CA GLU A 141 2.06 -18.64 20.36
C GLU A 141 2.93 -19.05 19.19
N ARG A 142 3.69 -18.11 18.63
CA ARG A 142 4.56 -18.36 17.50
C ARG A 142 5.60 -19.44 17.85
N PHE A 143 6.28 -19.28 18.99
CA PHE A 143 7.29 -20.23 19.42
C PHE A 143 6.70 -21.62 19.73
N TYR A 144 5.52 -21.62 20.33
CA TYR A 144 4.81 -22.87 20.63
C TYR A 144 4.61 -23.67 19.35
N ARG A 145 4.09 -23.00 18.33
CA ARG A 145 3.82 -23.65 17.07
C ARG A 145 5.09 -24.05 16.30
N TYR A 146 6.01 -23.10 16.11
CA TYR A 146 7.25 -23.42 15.38
C TYR A 146 8.02 -24.53 16.08
N GLY A 147 8.06 -24.49 17.42
CA GLY A 147 8.77 -25.49 18.19
C GLY A 147 8.23 -26.90 18.01
N LEU A 148 6.93 -27.05 18.18
CA LEU A 148 6.28 -28.34 18.02
C LEU A 148 6.33 -28.88 16.60
N LEU A 149 6.34 -27.97 15.61
CA LEU A 149 6.46 -28.42 14.22
C LEU A 149 7.84 -28.99 13.93
N THR A 150 8.84 -28.48 14.62
CA THR A 150 10.22 -28.87 14.43
C THR A 150 10.56 -30.12 15.21
N ASN A 151 10.09 -30.21 16.46
CA ASN A 151 10.36 -31.35 17.33
C ASN A 151 9.06 -31.81 17.98
N PRO A 152 8.45 -32.90 17.48
CA PRO A 152 7.17 -33.38 18.05
C PRO A 152 7.23 -33.76 19.52
N ASP A 153 8.42 -34.06 20.02
CA ASP A 153 8.59 -34.46 21.43
C ASP A 153 8.97 -33.29 22.33
N LEU A 154 8.94 -32.08 21.78
CA LEU A 154 9.30 -30.91 22.54
C LEU A 154 8.33 -30.64 23.67
N LYS A 155 8.88 -30.33 24.84
CA LYS A 155 8.10 -29.86 25.98
C LYS A 155 8.58 -28.43 26.18
N ILE A 156 7.70 -27.55 26.62
CA ILE A 156 8.06 -26.17 26.84
C ILE A 156 7.84 -25.81 28.29
N TYR A 157 8.91 -25.42 28.97
CA TYR A 157 8.83 -25.00 30.37
C TYR A 157 8.68 -23.48 30.39
N LYS A 158 7.62 -23.01 31.04
CA LYS A 158 7.34 -21.59 31.19
C LYS A 158 7.67 -21.19 32.64
N PRO A 159 8.85 -20.57 32.87
CA PRO A 159 9.26 -20.20 34.23
C PRO A 159 8.22 -19.41 35.02
N TRP A 160 7.55 -18.48 34.33
CA TRP A 160 6.54 -17.65 35.00
C TRP A 160 5.29 -18.42 35.52
N LEU A 161 5.21 -19.72 35.23
CA LEU A 161 4.16 -20.59 35.79
C LEU A 161 4.64 -21.25 37.08
N ASP A 162 5.92 -21.08 37.39
CA ASP A 162 6.56 -21.70 38.54
C ASP A 162 6.59 -20.66 39.65
N GLN A 163 5.87 -20.94 40.74
CA GLN A 163 5.80 -20.00 41.85
C GLN A 163 7.16 -19.70 42.46
N THR A 164 8.08 -20.66 42.43
CA THR A 164 9.42 -20.46 42.96
C THR A 164 10.20 -19.44 42.10
N PHE A 165 9.97 -19.47 40.79
CA PHE A 165 10.59 -18.51 39.87
C PHE A 165 10.01 -17.12 40.07
N ILE A 166 8.69 -17.03 40.23
CA ILE A 166 8.00 -15.75 40.44
C ILE A 166 8.48 -15.10 41.75
N ASP A 167 8.63 -15.90 42.81
CA ASP A 167 9.06 -15.40 44.11
C ASP A 167 10.52 -14.91 44.13
N GLU A 168 11.44 -15.71 43.59
CA GLU A 168 12.87 -15.37 43.62
C GLU A 168 13.28 -14.35 42.56
N LEU A 169 12.66 -14.39 41.38
CA LEU A 169 12.94 -13.42 40.32
C LEU A 169 11.69 -12.50 40.22
N GLY A 170 11.20 -12.24 39.01
CA GLY A 170 10.02 -11.35 38.85
C GLY A 170 10.41 -10.12 38.04
N GLY A 171 10.39 -8.96 38.68
CA GLY A 171 10.75 -7.70 37.99
C GLY A 171 12.22 -7.61 37.68
N ARG A 172 12.62 -6.57 36.95
CA ARG A 172 14.03 -6.40 36.56
C ARG A 172 14.95 -6.13 37.75
N ALA A 173 14.46 -5.40 38.74
CA ALA A 173 15.24 -5.10 39.93
C ALA A 173 15.59 -6.37 40.72
N GLU A 174 14.63 -7.30 40.78
CA GLU A 174 14.84 -8.56 41.49
C GLU A 174 15.83 -9.45 40.72
N MET A 175 15.69 -9.50 39.40
CA MET A 175 16.61 -10.29 38.55
C MET A 175 18.01 -9.71 38.59
N SER A 176 18.12 -8.38 38.52
CA SER A 176 19.42 -7.72 38.58
C SER A 176 20.09 -8.01 39.94
N GLU A 177 19.28 -8.07 41.00
CA GLU A 177 19.77 -8.43 42.34
C GLU A 177 20.21 -9.87 42.43
N TYR A 178 19.43 -10.78 41.86
CA TYR A 178 19.78 -12.19 41.86
C TYR A 178 21.15 -12.41 41.22
N MET A 179 21.42 -11.69 40.14
CA MET A 179 22.73 -11.76 39.45
C MET A 179 23.85 -11.32 40.39
N ARG A 180 23.65 -10.18 41.02
CA ARG A 180 24.66 -9.61 41.92
C ARG A 180 24.95 -10.53 43.10
N GLN A 181 23.90 -11.12 43.69
N GLN A 181 23.91 -11.13 43.69
CA GLN A 181 24.07 -12.04 44.82
CA GLN A 181 24.09 -12.04 44.82
C GLN A 181 24.84 -13.33 44.44
C GLN A 181 24.84 -13.33 44.44
N ALA A 182 24.78 -13.70 43.15
CA ALA A 182 25.53 -14.87 42.66
C ALA A 182 26.97 -14.50 42.23
N GLY A 183 27.34 -13.22 42.37
CA GLY A 183 28.69 -12.75 42.03
C GLY A 183 28.88 -12.23 40.62
N PHE A 184 27.79 -11.87 39.94
CA PHE A 184 27.87 -11.39 38.56
C PHE A 184 27.30 -9.99 38.45
N ASP A 185 28.18 -9.04 38.20
CA ASP A 185 27.81 -7.64 38.03
C ASP A 185 27.18 -7.49 36.64
N TYR A 186 25.86 -7.64 36.56
CA TYR A 186 25.18 -7.45 35.27
C TYR A 186 25.15 -5.97 34.91
N LYS A 187 25.91 -5.61 33.88
CA LYS A 187 26.05 -4.23 33.41
C LYS A 187 24.72 -3.72 32.84
N MET A 188 23.94 -3.07 33.71
CA MET A 188 22.62 -2.54 33.36
C MET A 188 22.74 -1.39 32.37
N SER A 189 22.06 -1.51 31.24
CA SER A 189 22.13 -0.49 30.19
C SER A 189 21.37 0.78 30.59
N ALA A 190 21.69 1.90 29.94
CA ALA A 190 20.95 3.15 30.18
C ALA A 190 19.51 2.92 29.69
N GLU A 191 18.54 3.31 30.52
CA GLU A 191 17.14 3.07 30.23
C GLU A 191 16.60 3.92 29.06
N LYS A 192 15.74 3.30 28.24
CA LYS A 192 15.11 3.96 27.09
C LYS A 192 13.62 4.14 27.32
N ALA A 193 13.02 5.03 26.52
CA ALA A 193 11.58 5.33 26.61
C ALA A 193 10.74 4.34 25.78
N TYR A 194 11.36 3.23 25.37
CA TYR A 194 10.69 2.19 24.58
C TYR A 194 11.55 0.93 24.57
N SER A 195 10.95 -0.19 24.17
CA SER A 195 11.63 -1.46 24.04
C SER A 195 11.90 -1.70 22.56
N THR A 196 12.99 -2.40 22.28
CA THR A 196 13.40 -2.67 20.90
C THR A 196 13.65 -4.15 20.66
N ASP A 197 13.18 -4.65 19.52
CA ASP A 197 13.47 -6.00 19.07
C ASP A 197 14.07 -5.83 17.69
N SER A 198 15.17 -6.52 17.39
CA SER A 198 15.81 -6.33 16.10
C SER A 198 16.43 -7.57 15.49
N ASN A 199 16.71 -7.44 14.19
CA ASN A 199 17.43 -8.45 13.41
C ASN A 199 17.87 -7.74 12.13
N MET A 200 18.57 -8.41 11.23
CA MET A 200 19.04 -7.69 10.04
C MET A 200 17.96 -7.33 9.03
N LEU A 201 16.74 -7.88 9.18
CA LEU A 201 15.64 -7.51 8.30
C LEU A 201 15.05 -6.17 8.76
N GLY A 202 14.99 -5.96 10.06
CA GLY A 202 14.43 -4.73 10.59
C GLY A 202 14.43 -4.65 12.10
N ALA A 203 13.97 -3.53 12.62
CA ALA A 203 13.91 -3.31 14.06
C ALA A 203 12.56 -2.72 14.40
N THR A 204 12.00 -3.14 15.53
CA THR A 204 10.69 -2.64 15.96
C THR A 204 10.84 -2.01 17.35
N HIS A 205 10.17 -0.87 17.55
CA HIS A 205 10.20 -0.14 18.81
C HIS A 205 8.77 0.02 19.30
N GLU A 206 8.52 -0.33 20.55
CA GLU A 206 7.18 -0.25 21.12
C GLU A 206 7.24 -0.23 22.65
N ALA A 207 6.05 -0.18 23.27
CA ALA A 207 5.88 -0.17 24.71
C ALA A 207 6.36 1.14 25.36
N LYS A 208 6.20 1.22 26.69
CA LYS A 208 6.59 2.39 27.46
C LYS A 208 6.00 3.67 26.86
N ASP A 209 6.81 4.71 26.60
CA ASP A 209 6.26 5.96 26.09
C ASP A 209 5.59 5.85 24.72
N LEU A 210 5.95 4.84 23.94
CA LEU A 210 5.33 4.65 22.63
C LEU A 210 3.90 4.09 22.74
N GLU A 211 3.47 3.75 23.95
CA GLU A 211 2.07 3.34 24.15
C GLU A 211 1.12 4.52 23.95
N LEU A 212 1.61 5.74 24.18
CA LEU A 212 0.82 6.94 23.99
C LEU A 212 0.87 7.35 22.53
N LEU A 213 -0.29 7.52 21.92
CA LEU A 213 -0.35 7.93 20.52
C LEU A 213 0.06 9.39 20.31
N SER A 214 0.22 10.12 21.42
CA SER A 214 0.69 11.52 21.39
C SER A 214 2.21 11.55 21.27
N ALA A 215 2.86 10.41 21.51
CA ALA A 215 4.30 10.27 21.28
C ALA A 215 4.44 9.49 19.96
N GLY A 216 5.65 9.47 19.40
CA GLY A 216 5.89 8.78 18.15
C GLY A 216 7.36 8.73 17.75
N ILE A 217 7.61 8.70 16.44
CA ILE A 217 8.95 8.59 15.90
C ILE A 217 9.95 9.63 16.48
N ARG A 218 9.47 10.82 16.85
CA ARG A 218 10.36 11.85 17.43
C ARG A 218 11.17 11.40 18.64
N ILE A 219 10.66 10.44 19.44
CA ILE A 219 11.40 9.99 20.62
C ILE A 219 12.31 8.80 20.35
N VAL A 220 12.30 8.30 19.11
CA VAL A 220 13.10 7.14 18.75
C VAL A 220 14.46 7.48 18.16
N GLN A 221 15.51 6.83 18.67
CA GLN A 221 16.84 6.95 18.13
C GLN A 221 16.99 5.72 17.23
N PRO A 222 16.93 5.89 15.90
CA PRO A 222 16.98 4.73 15.03
C PRO A 222 18.31 3.96 15.12
N ILE A 223 18.25 2.64 14.96
CA ILE A 223 19.46 1.78 15.05
C ILE A 223 19.92 1.19 13.72
N MET A 224 19.16 1.41 12.66
CA MET A 224 19.51 0.92 11.33
C MET A 224 19.66 2.08 10.35
N GLY A 225 19.51 3.29 10.86
CA GLY A 225 19.63 4.47 10.02
C GLY A 225 19.71 5.75 10.83
N VAL A 226 19.71 6.87 10.14
CA VAL A 226 19.81 8.16 10.78
C VAL A 226 18.42 8.72 11.14
N ALA A 227 18.42 9.75 11.99
CA ALA A 227 17.22 10.48 12.39
C ALA A 227 16.97 11.52 11.30
N PHE A 228 16.44 11.03 10.18
CA PHE A 228 16.22 11.84 8.96
C PHE A 228 15.36 13.08 9.13
N TRP A 229 14.53 13.09 10.17
CA TRP A 229 13.63 14.20 10.45
C TRP A 229 14.31 15.40 11.11
N GLN A 230 15.53 15.22 11.63
CA GLN A 230 16.26 16.30 12.31
C GLN A 230 17.09 17.10 11.32
N ASP A 231 16.96 18.43 11.37
CA ASP A 231 17.71 19.35 10.49
C ASP A 231 19.22 19.26 10.60
N SER A 232 19.73 18.97 11.81
CA SER A 232 21.17 18.85 12.01
C SER A 232 21.76 17.67 11.22
N VAL A 233 20.91 16.69 10.91
CA VAL A 233 21.35 15.51 10.16
C VAL A 233 21.39 15.88 8.69
N GLN A 234 22.58 15.87 8.10
CA GLN A 234 22.76 16.28 6.71
C GLN A 234 22.66 15.06 5.82
N ILE A 235 21.74 15.11 4.84
CA ILE A 235 21.54 13.96 3.96
C ILE A 235 21.50 14.46 2.54
N LYS A 236 22.46 14.03 1.73
CA LYS A 236 22.54 14.43 0.35
C LYS A 236 21.84 13.41 -0.53
N ALA A 237 21.22 13.89 -1.60
CA ALA A 237 20.56 13.03 -2.56
C ALA A 237 21.56 12.00 -3.10
N GLU A 238 21.12 10.76 -3.26
CA GLU A 238 21.99 9.68 -3.71
C GLU A 238 21.28 8.76 -4.68
N GLU A 239 21.95 8.50 -5.81
CA GLU A 239 21.43 7.63 -6.83
C GLU A 239 21.81 6.18 -6.49
N VAL A 240 20.88 5.26 -6.70
CA VAL A 240 21.10 3.84 -6.38
C VAL A 240 20.48 2.96 -7.45
N THR A 241 21.18 1.88 -7.80
CA THR A 241 20.64 0.90 -8.72
C THR A 241 20.49 -0.44 -7.99
N VAL A 242 19.36 -1.11 -8.23
CA VAL A 242 19.06 -2.38 -7.61
C VAL A 242 18.72 -3.34 -8.74
N ARG A 243 19.45 -4.44 -8.82
CA ARG A 243 19.22 -5.42 -9.87
C ARG A 243 18.75 -6.79 -9.33
N PHE A 244 17.73 -7.32 -10.00
CA PHE A 244 17.16 -8.65 -9.70
C PHE A 244 17.41 -9.62 -10.84
N GLU A 245 17.59 -10.90 -10.49
CA GLU A 245 17.69 -11.96 -11.49
C GLU A 245 16.71 -13.04 -11.04
N GLU A 246 15.64 -13.24 -11.83
CA GLU A 246 14.59 -14.22 -11.52
C GLU A 246 14.06 -14.12 -10.10
N GLY A 247 13.84 -12.89 -9.64
CA GLY A 247 13.28 -12.64 -8.33
C GLY A 247 14.25 -12.51 -7.15
N GLN A 248 15.50 -12.89 -7.35
N GLN A 248 15.51 -12.90 -7.36
CA GLN A 248 16.50 -12.81 -6.31
CA GLN A 248 16.51 -12.80 -6.32
C GLN A 248 17.26 -11.49 -6.49
C GLN A 248 17.26 -11.49 -6.50
N PRO A 249 17.46 -10.73 -5.40
CA PRO A 249 18.28 -9.50 -5.54
C PRO A 249 19.74 -9.93 -5.70
N VAL A 250 20.41 -9.49 -6.76
CA VAL A 250 21.79 -9.91 -7.05
C VAL A 250 22.84 -8.80 -7.13
N ALA A 251 22.42 -7.55 -7.30
CA ALA A 251 23.40 -6.46 -7.39
C ALA A 251 22.87 -5.12 -6.92
N LEU A 252 23.79 -4.33 -6.35
CA LEU A 252 23.52 -2.98 -5.85
C LEU A 252 24.63 -2.08 -6.40
N ASN A 253 24.25 -0.99 -7.06
CA ASN A 253 25.22 -0.05 -7.64
C ASN A 253 26.24 -0.74 -8.55
N GLY A 254 25.76 -1.67 -9.35
CA GLY A 254 26.62 -2.41 -10.30
C GLY A 254 27.54 -3.46 -9.70
N VAL A 255 27.50 -3.64 -8.37
CA VAL A 255 28.34 -4.62 -7.72
C VAL A 255 27.50 -5.87 -7.47
N GLU A 256 27.94 -7.00 -8.02
CA GLU A 256 27.21 -8.23 -7.88
C GLU A 256 27.57 -8.92 -6.57
N TYR A 257 26.57 -9.49 -5.89
CA TYR A 257 26.74 -10.18 -4.62
C TYR A 257 26.39 -11.66 -4.74
N ALA A 258 27.37 -12.52 -4.54
CA ALA A 258 27.15 -13.96 -4.54
C ALA A 258 26.50 -14.39 -3.21
N ASP A 259 26.71 -13.60 -2.15
CA ASP A 259 26.15 -13.88 -0.82
C ASP A 259 25.00 -12.91 -0.51
N PRO A 260 23.74 -13.43 -0.48
CA PRO A 260 22.57 -12.59 -0.19
C PRO A 260 22.63 -11.88 1.17
N VAL A 261 23.29 -12.48 2.17
CA VAL A 261 23.43 -11.83 3.46
C VAL A 261 24.23 -10.53 3.31
N GLU A 262 25.31 -10.59 2.54
CA GLU A 262 26.14 -9.41 2.31
C GLU A 262 25.35 -8.39 1.51
N LEU A 263 24.54 -8.85 0.55
CA LEU A 263 23.74 -7.93 -0.24
C LEU A 263 22.77 -7.15 0.66
N LEU A 264 22.09 -7.84 1.58
CA LEU A 264 21.11 -7.15 2.45
C LEU A 264 21.81 -6.21 3.41
N LEU A 265 23.01 -6.59 3.87
CA LEU A 265 23.78 -5.72 4.74
C LEU A 265 24.12 -4.43 4.03
N GLU A 266 24.42 -4.49 2.73
CA GLU A 266 24.72 -3.28 1.94
C GLU A 266 23.43 -2.49 1.64
N ALA A 267 22.33 -3.20 1.39
CA ALA A 267 21.05 -2.53 1.15
C ALA A 267 20.67 -1.76 2.42
N ASN A 268 20.91 -2.38 3.57
CA ASN A 268 20.64 -1.74 4.87
C ASN A 268 21.45 -0.44 5.01
N ARG A 269 22.73 -0.48 4.64
CA ARG A 269 23.59 0.71 4.70
C ARG A 269 23.08 1.85 3.80
N ILE A 270 22.69 1.50 2.57
CA ILE A 270 22.24 2.47 1.60
C ILE A 270 20.95 3.14 2.08
N GLY A 271 19.96 2.34 2.41
CA GLY A 271 18.69 2.86 2.90
C GLY A 271 18.83 3.58 4.22
N GLY A 272 19.70 3.04 5.08
CA GLY A 272 19.96 3.60 6.40
C GLY A 272 20.46 5.04 6.39
N ARG A 273 21.34 5.37 5.42
CA ARG A 273 21.87 6.76 5.32
C ARG A 273 20.80 7.78 5.05
N HIS A 274 19.64 7.33 4.55
CA HIS A 274 18.54 8.22 4.20
C HIS A 274 17.33 8.12 5.15
N GLY A 275 17.30 7.07 5.96
CA GLY A 275 16.19 6.81 6.87
C GLY A 275 15.02 6.15 6.16
N LEU A 276 15.28 5.60 4.97
CA LEU A 276 14.24 4.95 4.17
C LEU A 276 13.56 3.80 4.90
N GLY A 277 12.24 3.73 4.77
CA GLY A 277 11.46 2.63 5.30
C GLY A 277 10.84 2.72 6.67
N MET A 278 11.05 3.81 7.39
CA MET A 278 10.47 3.91 8.74
C MET A 278 8.97 4.20 8.68
N SER A 279 8.24 3.64 9.64
CA SER A 279 6.80 3.84 9.72
C SER A 279 6.29 3.70 11.15
N ASP A 280 5.03 4.09 11.32
CA ASP A 280 4.33 4.10 12.61
C ASP A 280 3.06 3.32 12.34
N GLN A 281 2.84 2.23 13.06
CA GLN A 281 1.68 1.37 12.80
C GLN A 281 0.95 0.96 14.06
N ILE A 282 -0.36 0.79 13.93
CA ILE A 282 -1.19 0.21 14.95
C ILE A 282 -1.51 -1.17 14.37
N GLU A 283 -1.05 -2.22 15.04
CA GLU A 283 -1.29 -3.57 14.58
C GLU A 283 -2.27 -4.31 15.50
N ASN A 284 -2.80 -5.40 14.96
CA ASN A 284 -3.73 -6.27 15.68
C ASN A 284 -3.03 -7.53 16.12
N ARG A 285 -2.85 -7.67 17.42
CA ARG A 285 -2.19 -8.85 17.98
C ARG A 285 -3.08 -10.08 17.80
N ILE A 286 -2.49 -11.24 17.95
CA ILE A 286 -3.19 -12.52 17.82
C ILE A 286 -4.39 -12.59 18.79
N ILE A 287 -4.23 -12.02 19.98
CA ILE A 287 -5.33 -12.02 20.99
C ILE A 287 -6.49 -11.04 20.71
N GLU A 288 -6.47 -10.37 19.57
CA GLU A 288 -7.51 -9.42 19.18
C GLU A 288 -7.56 -8.16 20.06
N ALA A 289 -6.39 -7.56 20.24
CA ALA A 289 -6.20 -6.30 20.94
C ALA A 289 -5.10 -5.62 20.16
N LYS A 290 -5.12 -4.29 20.13
CA LYS A 290 -4.13 -3.55 19.35
C LYS A 290 -2.86 -3.17 20.12
N SER A 291 -1.76 -3.03 19.37
CA SER A 291 -0.50 -2.54 19.91
C SER A 291 0.06 -1.56 18.88
N ARG A 292 1.00 -0.72 19.31
CA ARG A 292 1.57 0.32 18.45
C ARG A 292 3.08 0.21 18.38
N GLY A 293 3.63 0.42 17.20
CA GLY A 293 5.08 0.34 17.02
C GLY A 293 5.62 1.39 16.06
N ILE A 294 6.94 1.61 16.16
CA ILE A 294 7.70 2.46 15.25
C ILE A 294 8.66 1.43 14.64
N TYR A 295 8.71 1.37 13.31
CA TYR A 295 9.48 0.33 12.62
C TYR A 295 10.58 0.84 11.71
N GLU A 296 11.65 0.03 11.58
CA GLU A 296 12.77 0.28 10.66
C GLU A 296 12.99 -0.97 9.81
N ALA A 297 13.30 -0.77 8.52
CA ALA A 297 13.66 -1.84 7.58
C ALA A 297 14.20 -1.19 6.30
N PRO A 298 15.36 -0.51 6.41
CA PRO A 298 15.90 0.23 5.25
C PRO A 298 16.26 -0.60 4.04
N GLY A 299 16.86 -1.78 4.26
CA GLY A 299 17.26 -2.64 3.17
C GLY A 299 16.07 -3.23 2.45
N LEU A 300 15.13 -3.78 3.21
CA LEU A 300 13.93 -4.37 2.62
C LEU A 300 13.08 -3.31 1.92
N ALA A 301 13.02 -2.11 2.47
CA ALA A 301 12.26 -1.02 1.84
C ALA A 301 12.85 -0.69 0.48
N LEU A 302 14.17 -0.70 0.40
CA LEU A 302 14.87 -0.42 -0.86
C LEU A 302 14.55 -1.50 -1.90
N LEU A 303 14.64 -2.76 -1.48
CA LEU A 303 14.37 -3.87 -2.37
C LEU A 303 12.90 -3.92 -2.82
N PHE A 304 12.01 -3.56 -1.91
CA PHE A 304 10.55 -3.53 -2.16
C PHE A 304 10.21 -2.55 -3.26
N ILE A 305 10.85 -1.39 -3.27
CA ILE A 305 10.61 -0.41 -4.30
C ILE A 305 10.97 -0.97 -5.67
N ALA A 306 12.17 -1.56 -5.76
CA ALA A 306 12.66 -2.08 -7.02
C ALA A 306 11.82 -3.27 -7.49
N TYR A 307 11.51 -4.19 -6.58
CA TYR A 307 10.74 -5.38 -6.93
C TYR A 307 9.34 -4.99 -7.42
N GLU A 308 8.69 -4.11 -6.68
CA GLU A 308 7.35 -3.68 -7.04
C GLU A 308 7.33 -2.98 -8.39
N ARG A 309 8.27 -2.07 -8.60
CA ARG A 309 8.34 -1.33 -9.85
C ARG A 309 8.45 -2.31 -11.02
N LEU A 310 9.33 -3.30 -10.89
CA LEU A 310 9.48 -4.31 -11.93
C LEU A 310 8.21 -5.14 -12.13
N VAL A 311 7.57 -5.54 -11.02
CA VAL A 311 6.29 -6.26 -11.09
C VAL A 311 5.25 -5.49 -11.92
N THR A 312 5.12 -4.18 -11.66
CA THR A 312 4.14 -3.36 -12.37
C THR A 312 4.45 -3.21 -13.86
N GLY A 313 5.71 -3.40 -14.26
CA GLY A 313 6.07 -3.29 -15.68
C GLY A 313 6.13 -4.63 -16.43
N ILE A 314 6.02 -5.73 -15.70
CA ILE A 314 6.19 -7.08 -16.24
C ILE A 314 4.90 -7.94 -16.25
N HIS A 315 4.10 -7.85 -15.18
CA HIS A 315 2.94 -8.70 -15.04
C HIS A 315 1.61 -8.05 -15.40
N ASN A 316 0.67 -8.88 -15.87
CA ASN A 316 -0.64 -8.37 -16.28
C ASN A 316 -1.50 -8.04 -15.05
N GLU A 317 -2.62 -7.38 -15.29
CA GLU A 317 -3.46 -6.91 -14.19
C GLU A 317 -3.97 -8.03 -13.26
N ASP A 318 -4.45 -9.13 -13.83
CA ASP A 318 -4.94 -10.25 -13.01
C ASP A 318 -3.82 -10.83 -12.18
N THR A 319 -2.61 -10.89 -12.74
CA THR A 319 -1.47 -11.49 -12.02
C THR A 319 -1.11 -10.60 -10.81
N ILE A 320 -1.06 -9.29 -11.04
CA ILE A 320 -0.74 -8.33 -9.97
C ILE A 320 -1.83 -8.37 -8.89
N GLU A 321 -3.08 -8.50 -9.32
CA GLU A 321 -4.20 -8.58 -8.38
C GLU A 321 -4.10 -9.82 -7.47
N GLN A 322 -3.84 -11.00 -8.07
CA GLN A 322 -3.68 -12.22 -7.28
C GLN A 322 -2.47 -12.10 -6.37
N TYR A 323 -1.38 -11.53 -6.88
CA TYR A 323 -0.18 -11.30 -6.08
C TYR A 323 -0.48 -10.48 -4.82
N ARG A 324 -1.19 -9.38 -4.99
CA ARG A 324 -1.51 -8.54 -3.84
C ARG A 324 -2.53 -9.18 -2.90
N GLU A 325 -3.55 -9.84 -3.45
CA GLU A 325 -4.55 -10.58 -2.62
C GLU A 325 -3.84 -11.64 -1.79
N ASN A 326 -3.03 -12.46 -2.45
CA ASN A 326 -2.32 -13.54 -1.77
C ASN A 326 -1.41 -12.98 -0.68
N GLY A 327 -0.76 -11.86 -0.97
CA GLY A 327 0.19 -11.27 -0.03
C GLY A 327 -0.41 -10.81 1.28
N ARG A 328 -1.57 -10.15 1.21
CA ARG A 328 -2.21 -9.69 2.42
C ARG A 328 -2.68 -10.86 3.29
N LYS A 329 -3.14 -11.92 2.64
N LYS A 329 -3.16 -11.92 2.64
CA LYS A 329 -3.61 -13.11 3.35
CA LYS A 329 -3.59 -13.10 3.36
C LYS A 329 -2.39 -13.83 3.98
C LYS A 329 -2.39 -13.83 3.98
N LEU A 330 -1.31 -13.92 3.22
CA LEU A 330 -0.09 -14.58 3.69
C LEU A 330 0.55 -13.83 4.85
N GLY A 331 0.51 -12.50 4.78
CA GLY A 331 1.05 -11.66 5.85
C GLY A 331 0.41 -11.97 7.19
N ARG A 332 -0.91 -12.11 7.19
CA ARG A 332 -1.64 -12.42 8.40
C ARG A 332 -1.28 -13.80 8.93
N LEU A 333 -1.20 -14.79 8.04
CA LEU A 333 -0.80 -16.15 8.44
C LEU A 333 0.61 -16.12 9.06
N LEU A 334 1.50 -15.34 8.45
CA LEU A 334 2.88 -15.17 8.94
C LEU A 334 2.86 -14.59 10.34
N TYR A 335 2.06 -13.55 10.53
CA TYR A 335 1.97 -12.86 11.83
C TYR A 335 1.45 -13.80 12.95
N GLN A 336 0.55 -14.73 12.57
CA GLN A 336 -0.04 -15.72 13.49
C GLN A 336 0.91 -16.87 13.86
N GLY A 337 2.02 -17.00 13.14
CA GLY A 337 2.98 -18.08 13.36
C GLY A 337 2.70 -19.29 12.48
N ARG A 338 1.95 -19.09 11.40
CA ARG A 338 1.56 -20.16 10.49
C ARG A 338 2.28 -20.13 9.15
N TRP A 339 3.49 -19.56 9.16
CA TRP A 339 4.31 -19.43 7.95
C TRP A 339 4.63 -20.77 7.28
N PHE A 340 4.73 -21.86 8.04
CA PHE A 340 5.03 -23.19 7.45
C PHE A 340 3.80 -24.10 7.30
N ASP A 341 2.61 -23.56 7.56
CA ASP A 341 1.38 -24.34 7.41
C ASP A 341 1.00 -24.43 5.92
N PRO A 342 0.23 -25.47 5.53
CA PRO A 342 -0.11 -25.68 4.11
C PRO A 342 -0.70 -24.48 3.40
N GLN A 343 -1.65 -23.82 4.07
CA GLN A 343 -2.31 -22.67 3.48
C GLN A 343 -1.33 -21.52 3.19
N ALA A 344 -0.26 -21.42 3.98
CA ALA A 344 0.77 -20.39 3.77
C ALA A 344 1.69 -20.81 2.63
N ILE A 345 2.09 -22.08 2.65
CA ILE A 345 2.95 -22.64 1.58
C ILE A 345 2.34 -22.37 0.21
N MET A 346 1.04 -22.60 0.06
CA MET A 346 0.33 -22.39 -1.20
C MET A 346 0.58 -20.98 -1.72
N LEU A 347 0.30 -19.99 -0.87
CA LEU A 347 0.43 -18.57 -1.25
C LEU A 347 1.87 -18.21 -1.57
N ARG A 348 2.77 -18.68 -0.73
CA ARG A 348 4.18 -18.40 -0.86
C ARG A 348 4.79 -18.97 -2.14
N GLU A 349 4.50 -20.24 -2.43
CA GLU A 349 5.12 -20.88 -3.60
C GLU A 349 4.60 -20.26 -4.90
N THR A 350 3.32 -19.93 -4.93
CA THR A 350 2.70 -19.27 -6.08
C THR A 350 3.45 -18.01 -6.49
N ALA A 351 3.80 -17.18 -5.50
CA ALA A 351 4.55 -15.95 -5.77
C ALA A 351 5.99 -16.23 -6.18
N GLN A 352 6.65 -17.15 -5.49
CA GLN A 352 8.05 -17.49 -5.80
C GLN A 352 8.20 -18.03 -7.20
N ARG A 353 7.20 -18.75 -7.68
CA ARG A 353 7.25 -19.31 -9.01
C ARG A 353 6.72 -18.37 -10.10
N TRP A 354 5.42 -18.08 -10.09
CA TRP A 354 4.81 -17.35 -11.21
C TRP A 354 4.94 -15.83 -11.19
N VAL A 355 5.26 -15.25 -10.04
CA VAL A 355 5.44 -13.80 -9.98
C VAL A 355 6.93 -13.45 -10.03
N ALA A 356 7.69 -13.97 -9.06
CA ALA A 356 9.11 -13.65 -8.89
C ALA A 356 10.08 -14.10 -10.01
N ARG A 357 9.87 -15.28 -10.59
CA ARG A 357 10.83 -15.80 -11.59
C ARG A 357 10.93 -14.97 -12.86
N ALA A 358 9.91 -14.16 -13.14
CA ALA A 358 9.91 -13.27 -14.28
C ALA A 358 10.60 -11.93 -13.94
N ILE A 359 10.91 -11.70 -12.67
CA ILE A 359 11.48 -10.42 -12.25
C ILE A 359 12.99 -10.40 -12.40
N THR A 360 13.41 -10.08 -13.62
CA THR A 360 14.80 -9.93 -13.98
C THR A 360 14.88 -8.52 -14.53
N GLY A 361 15.65 -7.67 -13.87
CA GLY A 361 15.75 -6.28 -14.30
C GLY A 361 16.45 -5.40 -13.30
N GLU A 362 16.48 -4.11 -13.60
CA GLU A 362 17.17 -3.16 -12.77
C GLU A 362 16.40 -1.84 -12.66
N VAL A 363 16.29 -1.34 -11.43
CA VAL A 363 15.60 -0.09 -11.14
C VAL A 363 16.62 0.91 -10.56
N THR A 364 16.56 2.13 -11.08
CA THR A 364 17.44 3.21 -10.65
C THR A 364 16.59 4.25 -9.94
N LEU A 365 17.02 4.67 -8.76
CA LEU A 365 16.29 5.66 -7.99
C LEU A 365 17.19 6.64 -7.27
N GLU A 366 16.60 7.73 -6.79
CA GLU A 366 17.29 8.74 -6.03
C GLU A 366 16.65 8.80 -4.65
N LEU A 367 17.44 8.59 -3.62
CA LEU A 367 16.99 8.65 -2.25
C LEU A 367 17.35 10.00 -1.63
N ARG A 368 16.42 10.57 -0.87
CA ARG A 368 16.64 11.83 -0.20
C ARG A 368 16.47 11.56 1.30
N ARG A 369 15.39 12.05 1.91
CA ARG A 369 15.16 11.82 3.34
C ARG A 369 13.92 10.99 3.59
N GLY A 370 14.03 10.05 4.53
CA GLY A 370 12.91 9.22 4.91
C GLY A 370 12.34 8.50 3.69
N ASN A 371 11.03 8.59 3.50
CA ASN A 371 10.40 7.93 2.35
C ASN A 371 10.25 8.84 1.14
N ASP A 372 11.04 9.92 1.10
CA ASP A 372 11.06 10.80 -0.07
C ASP A 372 12.14 10.28 -1.02
N TYR A 373 11.71 9.77 -2.17
CA TYR A 373 12.61 9.27 -3.20
C TYR A 373 11.96 9.46 -4.57
N SER A 374 12.76 9.29 -5.62
CA SER A 374 12.29 9.39 -7.02
C SER A 374 12.79 8.22 -7.84
N LEU A 375 11.97 7.75 -8.78
CA LEU A 375 12.39 6.70 -9.70
C LEU A 375 13.05 7.40 -10.89
N LEU A 376 14.22 6.91 -11.31
CA LEU A 376 14.98 7.46 -12.41
C LEU A 376 14.96 6.61 -13.69
N ASN A 377 14.94 5.28 -13.52
CA ASN A 377 14.93 4.38 -14.67
C ASN A 377 14.43 3.00 -14.24
N THR A 378 13.87 2.27 -15.20
CA THR A 378 13.37 0.92 -14.97
C THR A 378 13.72 0.16 -16.25
N GLU A 379 14.48 -0.93 -16.12
CA GLU A 379 14.92 -1.71 -17.28
C GLU A 379 14.70 -3.20 -17.06
N SER A 380 14.26 -3.89 -18.10
CA SER A 380 14.06 -5.32 -18.05
C SER A 380 13.69 -5.87 -19.40
N ALA A 381 14.33 -6.97 -19.76
CA ALA A 381 14.03 -7.66 -21.00
C ALA A 381 12.64 -8.30 -20.93
N ASN A 382 12.10 -8.45 -19.72
CA ASN A 382 10.78 -9.06 -19.50
C ASN A 382 9.63 -8.05 -19.42
N LEU A 383 9.92 -6.77 -19.63
CA LEU A 383 8.86 -5.77 -19.58
C LEU A 383 7.78 -6.03 -20.61
N THR A 384 6.54 -5.83 -20.23
CA THR A 384 5.42 -5.90 -21.17
C THR A 384 5.02 -4.45 -21.47
N TYR A 385 5.56 -3.51 -20.70
CA TYR A 385 5.40 -2.09 -20.98
C TYR A 385 6.12 -1.87 -22.31
N ALA A 386 5.43 -1.34 -23.31
CA ALA A 386 6.00 -1.17 -24.63
C ALA A 386 5.18 -0.17 -25.45
N PRO A 387 5.41 1.14 -25.23
CA PRO A 387 4.63 2.15 -25.96
C PRO A 387 4.80 2.05 -27.50
N GLU A 388 5.93 1.52 -27.96
CA GLU A 388 6.14 1.35 -29.42
C GLU A 388 5.15 0.37 -30.05
N ARG A 389 4.66 -0.62 -29.29
CA ARG A 389 3.65 -1.56 -29.81
C ARG A 389 2.27 -0.90 -29.93
N LEU A 390 2.07 0.20 -29.20
CA LEU A 390 0.83 1.00 -29.25
C LEU A 390 0.90 2.11 -30.28
N SER A 391 2.06 2.26 -30.93
CA SER A 391 2.26 3.32 -31.92
C SER A 391 1.38 3.14 -33.15
N MET A 392 0.62 4.20 -33.46
CA MET A 392 -0.28 4.26 -34.60
C MET A 392 0.36 5.09 -35.72
N GLU A 393 1.68 5.30 -35.64
CA GLU A 393 2.43 6.10 -36.62
C GLU A 393 2.27 5.58 -38.05
N LYS A 394 2.41 4.27 -38.22
CA LYS A 394 2.24 3.63 -39.52
C LYS A 394 1.03 2.69 -39.46
N VAL A 395 0.27 2.65 -40.55
CA VAL A 395 -0.88 1.75 -40.66
C VAL A 395 -0.42 0.29 -40.65
N GLU A 396 0.78 0.05 -41.18
CA GLU A 396 1.38 -1.28 -41.27
C GLU A 396 1.84 -1.86 -39.92
N ASN A 397 1.95 -1.02 -38.89
CA ASN A 397 2.40 -1.45 -37.54
C ASN A 397 1.35 -1.31 -36.42
N ALA A 398 0.30 -0.53 -36.65
CA ALA A 398 -0.75 -0.34 -35.66
C ALA A 398 -1.42 -1.69 -35.28
N PRO A 399 -1.58 -1.95 -33.95
CA PRO A 399 -2.20 -3.21 -33.51
C PRO A 399 -3.71 -3.26 -33.77
N PHE A 400 -4.36 -2.11 -33.72
CA PHE A 400 -5.79 -2.01 -33.99
C PHE A 400 -6.09 -0.65 -34.62
N THR A 401 -7.25 -0.57 -35.28
CA THR A 401 -7.67 0.66 -35.96
C THR A 401 -8.76 1.36 -35.15
N PRO A 402 -9.09 2.62 -35.54
CA PRO A 402 -10.20 3.30 -34.84
C PRO A 402 -11.51 2.54 -34.98
N ALA A 403 -11.79 2.01 -36.17
CA ALA A 403 -13.01 1.23 -36.41
C ALA A 403 -13.08 -0.01 -35.51
N ASP A 404 -11.93 -0.66 -35.27
CA ASP A 404 -11.89 -1.83 -34.38
C ASP A 404 -12.36 -1.48 -32.97
N ARG A 405 -11.92 -0.32 -32.46
CA ARG A 405 -12.31 0.12 -31.12
C ARG A 405 -13.82 0.35 -31.02
N ILE A 406 -14.40 0.94 -32.07
CA ILE A 406 -15.85 1.16 -32.10
C ILE A 406 -16.58 -0.19 -31.98
N GLY A 407 -16.05 -1.20 -32.66
CA GLY A 407 -16.63 -2.55 -32.60
C GLY A 407 -16.64 -3.06 -31.16
N GLN A 408 -15.55 -2.84 -30.45
CA GLN A 408 -15.41 -3.24 -29.05
C GLN A 408 -16.46 -2.55 -28.17
N LEU A 409 -16.65 -1.25 -28.37
CA LEU A 409 -17.65 -0.49 -27.62
C LEU A 409 -19.05 -1.04 -27.78
N THR A 410 -19.40 -1.45 -29.00
CA THR A 410 -20.75 -1.95 -29.25
C THR A 410 -21.04 -3.21 -28.42
N MET A 411 -20.01 -3.95 -28.05
CA MET A 411 -20.19 -5.15 -27.24
C MET A 411 -20.62 -4.82 -25.78
N ARG A 412 -20.47 -3.57 -25.35
CA ARG A 412 -20.87 -3.16 -23.99
C ARG A 412 -22.36 -2.83 -23.80
N ASN A 413 -23.05 -2.49 -24.88
CA ASN A 413 -24.43 -1.99 -24.78
C ASN A 413 -25.45 -2.82 -24.00
N LEU A 414 -25.47 -4.12 -24.21
CA LEU A 414 -26.47 -4.95 -23.53
C LEU A 414 -26.37 -4.83 -22.02
N ASP A 415 -25.17 -4.95 -21.47
CA ASP A 415 -24.99 -4.86 -20.01
C ASP A 415 -25.20 -3.43 -19.50
N ILE A 416 -24.87 -2.43 -20.33
CA ILE A 416 -25.11 -1.04 -19.96
C ILE A 416 -26.61 -0.80 -19.75
N VAL A 417 -27.43 -1.31 -20.68
CA VAL A 417 -28.89 -1.17 -20.56
C VAL A 417 -29.36 -1.91 -19.29
N ASP A 418 -28.80 -3.10 -19.02
CA ASP A 418 -29.17 -3.87 -17.83
C ASP A 418 -28.85 -3.08 -16.56
N THR A 419 -27.67 -2.44 -16.53
CA THR A 419 -27.29 -1.63 -15.38
C THR A 419 -28.21 -0.41 -15.22
N ARG A 420 -28.52 0.30 -16.31
CA ARG A 420 -29.41 1.47 -16.21
C ARG A 420 -30.76 1.04 -15.64
N GLU A 421 -31.27 -0.10 -16.12
CA GLU A 421 -32.54 -0.63 -15.63
C GLU A 421 -32.45 -1.01 -14.14
N LYS A 422 -31.30 -1.56 -13.70
CA LYS A 422 -31.12 -1.83 -12.26
C LYS A 422 -31.20 -0.53 -11.44
N LEU A 423 -30.59 0.53 -11.94
CA LEU A 423 -30.59 1.81 -11.23
C LEU A 423 -32.05 2.28 -11.02
N PHE A 424 -32.87 2.19 -12.07
N PHE A 424 -32.87 2.20 -12.06
CA PHE A 424 -34.27 2.59 -11.96
CA PHE A 424 -34.31 2.58 -12.00
C PHE A 424 -35.06 1.67 -11.02
C PHE A 424 -35.06 1.68 -11.02
N THR A 425 -34.73 0.39 -11.01
CA THR A 425 -35.35 -0.57 -10.09
C THR A 425 -34.94 -0.24 -8.65
N TYR A 426 -33.69 0.14 -8.46
CA TYR A 426 -33.21 0.48 -7.12
C TYR A 426 -33.88 1.77 -6.57
N VAL A 427 -34.17 2.73 -7.43
CA VAL A 427 -34.89 3.93 -7.00
C VAL A 427 -36.33 3.55 -6.57
N LYS A 428 -37.00 2.72 -7.36
CA LYS A 428 -38.38 2.31 -7.06
C LYS A 428 -38.52 1.55 -5.72
N THR A 429 -37.52 0.73 -5.38
CA THR A 429 -37.53 -0.01 -4.12
C THR A 429 -36.96 0.82 -2.95
N GLY A 430 -36.58 2.07 -3.22
CA GLY A 430 -36.07 2.94 -2.15
C GLY A 430 -34.61 2.79 -1.72
N LEU A 431 -33.82 1.97 -2.42
CA LEU A 431 -32.40 1.81 -2.08
C LEU A 431 -31.55 2.99 -2.53
N LEU A 432 -31.87 3.55 -3.70
CA LEU A 432 -31.17 4.73 -4.21
C LEU A 432 -32.09 5.93 -4.28
N ALA A 433 -31.53 7.14 -4.11
CA ALA A 433 -32.29 8.38 -4.20
C ALA A 433 -32.46 8.75 -5.66
N PRO A 434 -33.64 9.32 -6.03
CA PRO A 434 -33.84 9.69 -7.44
C PRO A 434 -32.80 10.72 -7.94
N SER A 435 -32.65 10.80 -9.26
N SER A 435 -32.65 10.80 -9.26
CA SER A 435 -31.68 11.73 -9.89
CA SER A 435 -31.69 11.72 -9.90
C SER A 435 -32.16 13.17 -9.77
C SER A 435 -32.16 13.17 -9.77
N ALA A 436 -33.34 13.45 -10.33
CA ALA A 436 -33.93 14.80 -10.29
C ALA A 436 -34.46 15.14 -8.90
N GLY A 437 -34.59 16.43 -8.62
CA GLY A 437 -35.08 16.89 -7.30
C GLY A 437 -35.53 18.34 -7.33
N SER A 438 -35.41 19.00 -6.17
CA SER A 438 -35.81 20.41 -5.99
C SER A 438 -34.57 21.32 -5.84
N ALA A 439 -34.78 22.63 -6.01
CA ALA A 439 -33.73 23.65 -5.84
C ALA A 439 -33.46 23.99 -4.34
N LEU A 440 -34.38 23.53 -3.48
CA LEU A 440 -34.30 23.71 -2.02
C LEU A 440 -34.45 22.35 -1.37
N PRO A 441 -33.98 22.22 -0.10
CA PRO A 441 -34.11 20.93 0.61
C PRO A 441 -35.54 20.39 0.55
N GLN A 442 -35.68 19.10 0.24
CA GLN A 442 -36.98 18.48 -0.01
C GLN A 442 -37.44 17.37 0.94
N ILE A 443 -38.77 17.25 1.02
CA ILE A 443 -39.45 16.26 1.85
C ILE A 443 -39.20 14.87 1.26
N LYS A 444 -38.87 13.92 2.14
CA LYS A 444 -38.59 12.53 1.75
C LYS A 444 -39.84 11.62 1.77
N ASP A 445 -39.68 10.40 1.29
CA ASP A 445 -40.78 9.42 1.23
C ASP A 445 -41.06 8.83 2.61
N SER B 1 -26.72 2.26 -39.29
CA SER B 1 -26.91 0.77 -39.42
C SER B 1 -28.17 0.30 -38.69
N ASN B 2 -28.37 0.83 -37.49
CA ASN B 2 -29.52 0.45 -36.63
C ASN B 2 -29.92 1.73 -35.83
N ALA B 3 -31.21 1.96 -35.59
CA ALA B 3 -31.68 3.16 -34.85
C ALA B 3 -31.01 3.38 -33.48
N MET B 4 -30.66 2.28 -32.81
CA MET B 4 -30.00 2.32 -31.50
C MET B 4 -28.46 2.23 -31.60
N THR B 5 -27.89 2.36 -32.81
CA THR B 5 -26.44 2.35 -32.93
C THR B 5 -25.95 3.65 -32.29
N THR B 6 -25.08 3.52 -31.30
CA THR B 6 -24.62 4.68 -30.52
C THR B 6 -23.70 5.61 -31.32
N ILE B 7 -22.71 5.03 -31.98
CA ILE B 7 -21.69 5.80 -32.68
C ILE B 7 -22.13 6.31 -34.07
N LEU B 8 -21.94 7.61 -34.28
CA LEU B 8 -22.22 8.27 -35.56
C LEU B 8 -20.85 8.58 -36.21
N PRO B 9 -20.61 8.05 -37.42
CA PRO B 9 -19.32 8.32 -38.08
C PRO B 9 -19.28 9.63 -38.90
N ASN B 10 -20.45 10.24 -39.13
CA ASN B 10 -20.57 11.45 -39.94
C ASN B 10 -21.15 12.61 -39.15
N LEU B 11 -20.69 13.81 -39.47
CA LEU B 11 -21.18 15.02 -38.83
C LEU B 11 -22.69 15.10 -39.03
N PRO B 12 -23.47 15.24 -37.94
CA PRO B 12 -24.91 15.37 -38.14
C PRO B 12 -25.30 16.81 -38.49
N THR B 13 -25.29 17.10 -39.80
CA THR B 13 -25.60 18.45 -40.29
C THR B 13 -27.01 18.88 -39.88
N GLY B 14 -27.14 20.14 -39.50
CA GLY B 14 -28.43 20.70 -39.07
C GLY B 14 -28.92 20.25 -37.70
N GLN B 15 -28.16 19.43 -36.99
CA GLN B 15 -28.60 18.92 -35.68
C GLN B 15 -27.78 19.50 -34.55
N LYS B 16 -28.35 19.44 -33.35
CA LYS B 16 -27.69 19.93 -32.14
C LYS B 16 -26.62 18.93 -31.69
N VAL B 17 -25.38 19.40 -31.53
CA VAL B 17 -24.27 18.56 -31.13
C VAL B 17 -23.55 19.15 -29.93
N GLY B 18 -23.51 18.39 -28.83
CA GLY B 18 -22.84 18.81 -27.61
C GLY B 18 -21.35 18.58 -27.69
N ILE B 19 -20.58 19.49 -27.12
CA ILE B 19 -19.13 19.38 -27.06
C ILE B 19 -18.65 19.69 -25.66
N ALA B 20 -17.82 18.79 -25.10
CA ALA B 20 -17.20 19.04 -23.81
C ALA B 20 -16.10 20.05 -24.14
N PHE B 21 -16.45 21.32 -24.00
CA PHE B 21 -15.56 22.40 -24.42
C PHE B 21 -14.56 22.86 -23.34
N SER B 22 -13.36 22.27 -23.37
CA SER B 22 -12.29 22.65 -22.45
C SER B 22 -11.67 23.96 -22.90
N GLY B 23 -11.79 24.27 -24.19
CA GLY B 23 -11.26 25.51 -24.74
C GLY B 23 -9.83 25.43 -25.25
N GLY B 24 -9.26 24.22 -25.27
CA GLY B 24 -7.93 24.00 -25.84
C GLY B 24 -8.05 24.02 -27.35
N LEU B 25 -6.94 23.80 -28.05
CA LEU B 25 -6.93 23.83 -29.53
C LEU B 25 -7.87 22.82 -30.17
N ASP B 26 -7.83 21.58 -29.69
CA ASP B 26 -8.67 20.50 -30.24
C ASP B 26 -10.17 20.84 -30.21
N THR B 27 -10.70 21.19 -29.05
CA THR B 27 -12.13 21.52 -28.94
C THR B 27 -12.49 22.86 -29.61
N SER B 28 -11.57 23.82 -29.59
CA SER B 28 -11.80 25.11 -30.25
C SER B 28 -11.95 24.93 -31.77
N ALA B 29 -11.01 24.20 -32.37
CA ALA B 29 -11.05 23.96 -33.82
C ALA B 29 -12.24 23.08 -34.20
N ALA B 30 -12.49 22.03 -33.41
CA ALA B 30 -13.62 21.14 -33.67
C ALA B 30 -14.94 21.90 -33.68
N LEU B 31 -15.14 22.75 -32.65
CA LEU B 31 -16.38 23.51 -32.54
C LEU B 31 -16.59 24.43 -33.74
N LEU B 32 -15.52 25.13 -34.12
CA LEU B 32 -15.56 26.00 -35.27
C LEU B 32 -15.85 25.22 -36.54
N TRP B 33 -15.19 24.07 -36.70
CA TRP B 33 -15.37 23.21 -37.85
C TRP B 33 -16.81 22.68 -37.93
N MET B 34 -17.34 22.21 -36.81
CA MET B 34 -18.71 21.69 -36.79
C MET B 34 -19.74 22.75 -37.20
N ARG B 35 -19.54 23.98 -36.75
CA ARG B 35 -20.46 25.08 -37.15
C ARG B 35 -20.35 25.35 -38.64
N GLN B 36 -19.11 25.51 -39.12
CA GLN B 36 -18.82 25.75 -40.54
C GLN B 36 -19.47 24.69 -41.45
N LYS B 37 -19.45 23.43 -41.00
CA LYS B 37 -20.01 22.31 -41.76
C LYS B 37 -21.53 22.12 -41.61
N GLY B 38 -22.19 22.98 -40.84
CA GLY B 38 -23.64 22.92 -40.73
C GLY B 38 -24.27 22.40 -39.46
N ALA B 39 -23.48 21.84 -38.53
CA ALA B 39 -24.03 21.37 -37.26
C ALA B 39 -24.33 22.57 -36.37
N VAL B 40 -25.08 22.35 -35.29
CA VAL B 40 -25.44 23.39 -34.34
C VAL B 40 -24.81 23.02 -32.99
N PRO B 41 -23.58 23.51 -32.72
CA PRO B 41 -22.90 23.10 -31.49
C PRO B 41 -23.28 23.82 -30.21
N TYR B 42 -23.40 23.03 -29.16
CA TYR B 42 -23.67 23.52 -27.81
C TYR B 42 -22.44 23.17 -26.99
N ALA B 43 -21.82 24.18 -26.38
CA ALA B 43 -20.60 23.99 -25.61
C ALA B 43 -20.88 23.88 -24.12
N TYR B 44 -20.26 22.90 -23.47
CA TYR B 44 -20.39 22.67 -22.03
C TYR B 44 -18.98 22.56 -21.48
N THR B 45 -18.63 23.50 -20.59
CA THR B 45 -17.31 23.53 -19.98
C THR B 45 -17.47 23.12 -18.51
N ALA B 46 -16.79 22.05 -18.12
CA ALA B 46 -16.90 21.55 -16.78
C ALA B 46 -16.01 22.34 -15.83
N ASN B 47 -16.61 22.92 -14.79
CA ASN B 47 -15.80 23.57 -13.77
C ASN B 47 -15.39 22.44 -12.83
N LEU B 48 -14.12 22.03 -12.94
CA LEU B 48 -13.55 20.95 -12.14
C LEU B 48 -12.54 21.44 -11.09
N GLY B 49 -12.49 22.75 -10.88
CA GLY B 49 -11.53 23.36 -9.96
C GLY B 49 -10.11 23.08 -10.41
N GLN B 50 -9.89 23.09 -11.72
CA GLN B 50 -8.59 22.77 -12.27
C GLN B 50 -7.52 23.71 -11.74
N PRO B 51 -6.41 23.13 -11.22
CA PRO B 51 -5.37 23.96 -10.62
C PRO B 51 -4.65 24.86 -11.62
N ASP B 52 -4.69 24.50 -12.91
CA ASP B 52 -4.03 25.27 -13.98
C ASP B 52 -5.00 26.12 -14.81
N GLU B 53 -6.26 26.25 -14.35
CA GLU B 53 -7.25 27.07 -15.06
C GLU B 53 -7.39 28.43 -14.36
N PRO B 54 -6.91 29.50 -15.01
CA PRO B 54 -7.00 30.82 -14.38
C PRO B 54 -8.38 31.50 -14.42
N ASP B 55 -9.20 31.22 -15.46
CA ASP B 55 -10.51 31.88 -15.60
C ASP B 55 -11.53 31.08 -16.43
N TYR B 56 -12.37 30.31 -15.74
CA TYR B 56 -13.40 29.51 -16.42
C TYR B 56 -14.41 30.34 -17.24
N ASP B 57 -14.80 31.52 -16.75
CA ASP B 57 -15.77 32.38 -17.44
C ASP B 57 -15.37 32.78 -18.87
N GLU B 58 -14.08 32.90 -19.11
CA GLU B 58 -13.57 33.27 -20.43
C GLU B 58 -13.79 32.19 -21.49
N ILE B 59 -13.89 30.93 -21.08
CA ILE B 59 -14.02 29.80 -22.02
C ILE B 59 -15.35 29.80 -22.81
N PRO B 60 -16.52 29.89 -22.12
CA PRO B 60 -17.79 29.95 -22.88
C PRO B 60 -17.84 31.13 -23.84
N ARG B 61 -17.25 32.25 -23.41
CA ARG B 61 -17.18 33.48 -24.23
C ARG B 61 -16.44 33.19 -25.54
N ARG B 62 -15.37 32.38 -25.51
CA ARG B 62 -14.68 32.01 -26.75
C ARG B 62 -15.49 31.05 -27.60
N ALA B 63 -16.22 30.14 -26.95
CA ALA B 63 -17.08 29.21 -27.67
C ALA B 63 -18.09 29.98 -28.53
N MET B 64 -18.66 31.04 -27.96
CA MET B 64 -19.61 31.90 -28.67
C MET B 64 -18.92 32.64 -29.83
N GLN B 65 -17.69 33.11 -29.62
CA GLN B 65 -16.92 33.74 -30.71
C GLN B 65 -16.75 32.76 -31.87
N TYR B 66 -16.50 31.48 -31.56
CA TYR B 66 -16.31 30.45 -32.59
C TYR B 66 -17.60 29.96 -33.25
N GLY B 67 -18.74 30.51 -32.83
CA GLY B 67 -20.03 30.16 -33.44
C GLY B 67 -20.88 29.15 -32.71
N ALA B 68 -20.64 28.95 -31.42
CA ALA B 68 -21.47 28.02 -30.64
C ALA B 68 -22.87 28.60 -30.54
N GLU B 69 -23.88 27.74 -30.62
CA GLU B 69 -25.27 28.18 -30.46
C GLU B 69 -25.48 28.66 -29.03
N ALA B 70 -24.86 27.96 -28.10
CA ALA B 70 -24.93 28.29 -26.67
C ALA B 70 -23.69 27.72 -26.01
N ALA B 71 -23.29 28.33 -24.89
CA ALA B 71 -22.11 27.88 -24.17
C ALA B 71 -22.32 28.15 -22.69
N ARG B 72 -22.18 27.10 -21.90
CA ARG B 72 -22.43 27.09 -20.46
C ARG B 72 -21.27 26.49 -19.67
N LEU B 73 -21.18 26.93 -18.43
CA LEU B 73 -20.21 26.41 -17.49
C LEU B 73 -21.04 25.50 -16.56
N VAL B 74 -20.67 24.23 -16.47
CA VAL B 74 -21.37 23.30 -15.59
C VAL B 74 -20.46 23.09 -14.39
N ASP B 75 -20.95 23.46 -13.20
CA ASP B 75 -20.14 23.34 -11.99
C ASP B 75 -20.12 21.91 -11.46
N CYS B 76 -19.00 21.23 -11.64
CA CYS B 76 -18.86 19.85 -11.21
C CYS B 76 -18.05 19.70 -9.91
N ARG B 77 -17.67 20.81 -9.27
CA ARG B 77 -16.78 20.71 -8.11
C ARG B 77 -17.34 19.95 -6.90
N ALA B 78 -18.57 20.27 -6.49
CA ALA B 78 -19.21 19.59 -5.37
C ALA B 78 -19.28 18.08 -5.57
N GLN B 79 -19.72 17.66 -6.76
CA GLN B 79 -19.82 16.23 -7.08
C GLN B 79 -18.47 15.53 -7.14
N LEU B 80 -17.49 16.21 -7.74
CA LEU B 80 -16.13 15.71 -7.83
C LEU B 80 -15.58 15.42 -6.44
N VAL B 81 -15.79 16.36 -5.51
CA VAL B 81 -15.32 16.19 -4.14
C VAL B 81 -16.11 15.08 -3.42
N ALA B 82 -17.43 15.03 -3.63
CA ALA B 82 -18.24 13.98 -3.00
C ALA B 82 -17.80 12.57 -3.47
N GLU B 83 -17.52 12.42 -4.76
CA GLU B 83 -17.11 11.12 -5.32
C GLU B 83 -15.69 10.80 -4.86
N GLY B 84 -14.86 11.83 -4.75
CA GLY B 84 -13.50 11.70 -4.27
C GLY B 84 -13.50 11.24 -2.81
N ILE B 85 -14.39 11.81 -2.00
CA ILE B 85 -14.52 11.42 -0.60
C ILE B 85 -15.04 9.98 -0.48
N ALA B 86 -15.98 9.60 -1.35
CA ALA B 86 -16.51 8.23 -1.35
C ALA B 86 -15.40 7.23 -1.69
N ALA B 87 -14.58 7.55 -2.69
CA ALA B 87 -13.45 6.70 -3.08
C ALA B 87 -12.49 6.55 -1.92
N LEU B 88 -12.20 7.68 -1.27
CA LEU B 88 -11.32 7.69 -0.11
C LEU B 88 -11.85 6.79 0.99
N GLN B 89 -13.14 6.94 1.29
CA GLN B 89 -13.77 6.17 2.35
C GLN B 89 -13.69 4.67 2.09
N ALA B 90 -13.76 4.29 0.83
CA ALA B 90 -13.71 2.90 0.42
C ALA B 90 -12.32 2.39 0.04
N GLY B 91 -11.29 3.25 0.19
CA GLY B 91 -9.92 2.88 -0.19
C GLY B 91 -9.89 2.33 -1.61
N ALA B 92 -10.65 2.97 -2.51
CA ALA B 92 -10.84 2.50 -3.88
C ALA B 92 -9.69 2.86 -4.83
N PHE B 93 -8.48 2.42 -4.46
CA PHE B 93 -7.25 2.71 -5.18
C PHE B 93 -6.49 1.40 -5.38
N HIS B 94 -6.39 1.01 -6.65
CA HIS B 94 -5.81 -0.27 -7.05
C HIS B 94 -4.47 -0.14 -7.73
N ILE B 95 -4.02 1.09 -7.98
CA ILE B 95 -2.75 1.32 -8.65
C ILE B 95 -1.79 1.87 -7.63
N SER B 96 -0.74 1.10 -7.35
CA SER B 96 0.24 1.49 -6.37
C SER B 96 1.56 0.80 -6.69
N THR B 97 2.65 1.36 -6.19
CA THR B 97 4.01 0.84 -6.35
C THR B 97 4.73 0.97 -5.00
N ALA B 98 5.00 -0.16 -4.37
CA ALA B 98 5.61 -0.23 -3.05
C ALA B 98 4.85 0.68 -2.06
N GLY B 99 3.53 0.58 -2.11
CA GLY B 99 2.66 1.36 -1.24
C GLY B 99 2.27 2.74 -1.73
N LEU B 100 3.08 3.37 -2.59
CA LEU B 100 2.74 4.70 -3.09
C LEU B 100 1.54 4.59 -4.00
N THR B 101 0.49 5.30 -3.63
CA THR B 101 -0.79 5.16 -4.27
C THR B 101 -1.21 6.24 -5.27
N TYR B 102 -1.84 5.80 -6.36
CA TYR B 102 -2.48 6.69 -7.32
C TYR B 102 -3.95 6.74 -6.89
N PHE B 103 -4.47 7.93 -6.66
CA PHE B 103 -5.84 8.09 -6.13
C PHE B 103 -6.97 8.06 -7.15
N ASN B 104 -6.71 7.46 -8.33
CA ASN B 104 -7.74 7.32 -9.37
C ASN B 104 -8.45 8.64 -9.71
N THR B 105 -7.71 9.74 -9.69
CA THR B 105 -8.29 11.05 -9.92
C THR B 105 -8.84 11.26 -11.34
N THR B 106 -8.22 10.65 -12.33
CA THR B 106 -8.72 10.74 -13.72
C THR B 106 -10.04 9.96 -13.84
N PRO B 107 -10.08 8.66 -13.44
CA PRO B 107 -11.37 7.94 -13.52
C PRO B 107 -12.52 8.57 -12.71
N ILE B 108 -12.24 9.13 -11.54
CA ILE B 108 -13.29 9.81 -10.75
C ILE B 108 -13.80 11.03 -11.54
N GLY B 109 -12.86 11.79 -12.10
CA GLY B 109 -13.18 12.94 -12.94
C GLY B 109 -14.09 12.59 -14.11
N ARG B 110 -13.79 11.49 -14.80
CA ARG B 110 -14.61 11.04 -15.93
C ARG B 110 -16.01 10.60 -15.51
N ALA B 111 -16.12 9.99 -14.34
CA ALA B 111 -17.42 9.55 -13.83
C ALA B 111 -18.33 10.78 -13.60
N VAL B 112 -17.72 11.88 -13.17
CA VAL B 112 -18.45 13.08 -12.88
C VAL B 112 -18.81 13.85 -14.14
N THR B 113 -17.86 14.09 -15.06
CA THR B 113 -18.16 14.86 -16.27
C THR B 113 -18.94 14.06 -17.29
N GLY B 114 -18.70 12.74 -17.35
CA GLY B 114 -19.42 11.89 -18.25
C GLY B 114 -20.91 11.85 -17.97
N THR B 115 -21.28 11.93 -16.70
CA THR B 115 -22.68 11.93 -16.31
C THR B 115 -23.24 13.36 -16.33
N MET B 116 -22.55 14.28 -15.67
CA MET B 116 -23.03 15.68 -15.56
C MET B 116 -23.10 16.46 -16.86
N LEU B 117 -22.12 16.30 -17.76
CA LEU B 117 -22.21 17.04 -19.01
C LEU B 117 -23.31 16.48 -19.91
N VAL B 118 -23.49 15.16 -19.92
CA VAL B 118 -24.55 14.52 -20.73
C VAL B 118 -25.94 14.95 -20.21
N ALA B 119 -26.09 15.05 -18.89
CA ALA B 119 -27.37 15.49 -18.30
C ALA B 119 -27.65 16.95 -18.68
N ALA B 120 -26.60 17.78 -18.65
CA ALA B 120 -26.75 19.19 -19.03
C ALA B 120 -27.16 19.27 -20.51
N MET B 121 -26.54 18.44 -21.36
CA MET B 121 -26.92 18.39 -22.77
C MET B 121 -28.40 18.01 -22.93
N LYS B 122 -28.84 17.00 -22.19
CA LYS B 122 -30.23 16.54 -22.28
C LYS B 122 -31.21 17.67 -21.95
N GLU B 123 -30.94 18.43 -20.89
CA GLU B 123 -31.79 19.56 -20.49
C GLU B 123 -32.00 20.54 -21.62
N ASP B 124 -30.95 20.75 -22.42
CA ASP B 124 -31.03 21.67 -23.56
C ASP B 124 -31.56 20.99 -24.83
N GLY B 125 -32.05 19.75 -24.72
CA GLY B 125 -32.56 19.02 -25.90
C GLY B 125 -31.47 18.51 -26.82
N VAL B 126 -30.25 18.32 -26.28
CA VAL B 126 -29.08 17.84 -27.04
C VAL B 126 -28.84 16.37 -26.73
N ASN B 127 -29.02 15.52 -27.73
CA ASN B 127 -28.91 14.07 -27.59
C ASN B 127 -27.75 13.49 -28.41
N ILE B 128 -26.86 14.36 -28.90
CA ILE B 128 -25.67 13.94 -29.62
C ILE B 128 -24.47 14.61 -29.00
N TRP B 129 -23.47 13.81 -28.66
CA TRP B 129 -22.24 14.29 -28.07
C TRP B 129 -21.10 14.09 -29.04
N GLY B 130 -20.51 15.20 -29.50
CA GLY B 130 -19.34 15.18 -30.36
C GLY B 130 -18.13 15.04 -29.44
N ASP B 131 -17.82 13.80 -29.09
CA ASP B 131 -16.74 13.48 -28.13
C ASP B 131 -15.48 13.09 -28.86
N GLY B 132 -14.44 13.90 -28.71
CA GLY B 132 -13.15 13.65 -29.33
C GLY B 132 -12.25 12.62 -28.66
N SER B 133 -12.66 12.06 -27.50
CA SER B 133 -11.81 11.08 -26.79
C SER B 133 -11.31 10.02 -27.78
N THR B 134 -9.99 9.76 -27.76
CA THR B 134 -9.32 8.92 -28.77
C THR B 134 -9.59 7.42 -28.74
N PHE B 135 -9.30 6.78 -29.87
CA PHE B 135 -9.55 5.34 -30.04
C PHE B 135 -8.61 4.41 -29.26
N LYS B 136 -7.49 4.94 -28.78
CA LYS B 136 -6.49 4.11 -28.06
C LYS B 136 -6.46 4.28 -26.53
N GLY B 137 -7.24 5.21 -26.00
CA GLY B 137 -7.26 5.47 -24.55
C GLY B 137 -8.36 4.77 -23.77
N ASN B 138 -8.49 5.17 -22.51
CA ASN B 138 -9.50 4.64 -21.59
C ASN B 138 -10.79 5.43 -21.64
N ASP B 139 -10.68 6.73 -21.84
CA ASP B 139 -11.84 7.61 -21.78
C ASP B 139 -12.93 7.37 -22.81
N ILE B 140 -12.56 6.87 -23.98
CA ILE B 140 -13.58 6.56 -25.00
C ILE B 140 -14.59 5.59 -24.40
N GLU B 141 -14.11 4.61 -23.65
CA GLU B 141 -15.00 3.61 -23.04
C GLU B 141 -15.74 4.16 -21.82
N ARG B 142 -15.04 4.90 -20.97
CA ARG B 142 -15.64 5.49 -19.78
C ARG B 142 -16.79 6.43 -20.16
N PHE B 143 -16.54 7.34 -21.10
CA PHE B 143 -17.56 8.30 -21.53
C PHE B 143 -18.73 7.61 -22.21
N TYR B 144 -18.43 6.58 -22.99
CA TYR B 144 -19.46 5.80 -23.67
C TYR B 144 -20.43 5.24 -22.64
N ARG B 145 -19.89 4.62 -21.59
CA ARG B 145 -20.69 4.01 -20.56
C ARG B 145 -21.43 5.05 -19.69
N TYR B 146 -20.71 6.02 -19.16
CA TYR B 146 -21.36 7.04 -18.31
C TYR B 146 -22.45 7.79 -19.09
N GLY B 147 -22.16 8.08 -20.35
CA GLY B 147 -23.11 8.80 -21.19
C GLY B 147 -24.40 8.05 -21.41
N LEU B 148 -24.29 6.79 -21.82
CA LEU B 148 -25.46 5.96 -22.07
C LEU B 148 -26.24 5.65 -20.81
N LEU B 149 -25.57 5.58 -19.66
CA LEU B 149 -26.28 5.36 -18.39
C LEU B 149 -27.13 6.58 -18.02
N THR B 150 -26.66 7.75 -18.42
CA THR B 150 -27.33 9.01 -18.10
C THR B 150 -28.45 9.32 -19.08
N ASN B 151 -28.20 9.09 -20.37
CA ASN B 151 -29.20 9.35 -21.41
C ASN B 151 -29.25 8.15 -22.38
N PRO B 152 -30.28 7.31 -22.26
CA PRO B 152 -30.38 6.11 -23.11
C PRO B 152 -30.47 6.42 -24.61
N ASP B 153 -30.89 7.63 -24.95
CA ASP B 153 -31.03 8.03 -26.35
C ASP B 153 -29.80 8.74 -26.89
N LEU B 154 -28.73 8.78 -26.11
CA LEU B 154 -27.52 9.47 -26.52
C LEU B 154 -26.87 8.80 -27.72
N LYS B 155 -26.45 9.63 -28.68
CA LYS B 155 -25.64 9.19 -29.81
C LYS B 155 -24.30 9.91 -29.60
N ILE B 156 -23.22 9.29 -30.01
CA ILE B 156 -21.91 9.85 -29.84
C ILE B 156 -21.25 9.98 -31.22
N TYR B 157 -20.94 11.21 -31.61
CA TYR B 157 -20.26 11.46 -32.88
C TYR B 157 -18.76 11.54 -32.61
N LYS B 158 -18.00 10.72 -33.32
CA LYS B 158 -16.54 10.69 -33.20
C LYS B 158 -15.96 11.35 -34.46
N PRO B 159 -15.52 12.62 -34.35
CA PRO B 159 -14.98 13.35 -35.52
C PRO B 159 -13.89 12.60 -36.28
N TRP B 160 -13.02 11.91 -35.54
CA TRP B 160 -11.94 11.15 -36.15
C TRP B 160 -12.38 9.95 -37.03
N LEU B 161 -13.67 9.65 -37.07
CA LEU B 161 -14.24 8.64 -37.97
C LEU B 161 -14.73 9.29 -39.27
N ASP B 162 -14.73 10.61 -39.29
CA ASP B 162 -15.23 11.38 -40.42
C ASP B 162 -14.03 11.78 -41.27
N GLN B 163 -13.98 11.25 -42.49
CA GLN B 163 -12.86 11.51 -43.39
C GLN B 163 -12.70 13.00 -43.70
N THR B 164 -13.81 13.75 -43.72
CA THR B 164 -13.76 15.19 -43.98
C THR B 164 -13.07 15.93 -42.82
N PHE B 165 -13.28 15.46 -41.60
CA PHE B 165 -12.65 16.03 -40.41
C PHE B 165 -11.14 15.72 -40.41
N ILE B 166 -10.80 14.47 -40.76
CA ILE B 166 -9.39 14.04 -40.80
C ILE B 166 -8.62 14.83 -41.86
N ASP B 167 -9.24 15.04 -43.02
CA ASP B 167 -8.61 15.78 -44.12
C ASP B 167 -8.39 17.26 -43.82
N GLU B 168 -9.41 17.95 -43.33
CA GLU B 168 -9.32 19.40 -43.07
C GLU B 168 -8.59 19.75 -41.78
N LEU B 169 -8.74 18.93 -40.75
CA LEU B 169 -8.02 19.14 -39.49
C LEU B 169 -6.95 18.05 -39.39
N GLY B 170 -6.82 17.38 -38.24
CA GLY B 170 -5.81 16.32 -38.06
C GLY B 170 -4.82 16.72 -36.98
N GLY B 171 -3.57 16.99 -37.36
CA GLY B 171 -2.53 17.41 -36.42
C GLY B 171 -2.76 18.82 -35.89
N ARG B 172 -1.97 19.22 -34.91
CA ARG B 172 -2.11 20.54 -34.30
C ARG B 172 -1.79 21.68 -35.25
N ALA B 173 -0.82 21.49 -36.14
CA ALA B 173 -0.46 22.52 -37.11
C ALA B 173 -1.62 22.85 -38.05
N GLU B 174 -2.37 21.81 -38.44
CA GLU B 174 -3.51 21.99 -39.34
C GLU B 174 -4.65 22.69 -38.61
N MET B 175 -4.91 22.28 -37.36
CA MET B 175 -5.96 22.90 -36.54
C MET B 175 -5.62 24.36 -36.22
N SER B 176 -4.37 24.62 -35.88
CA SER B 176 -3.92 25.98 -35.59
C SER B 176 -4.08 26.86 -36.84
N GLU B 177 -3.83 26.27 -38.02
CA GLU B 177 -4.03 26.98 -39.28
C GLU B 177 -5.49 27.25 -39.58
N TYR B 178 -6.33 26.26 -39.34
CA TYR B 178 -7.78 26.38 -39.56
C TYR B 178 -8.34 27.56 -38.75
N MET B 179 -7.85 27.72 -37.52
CA MET B 179 -8.25 28.82 -36.64
C MET B 179 -7.88 30.16 -37.26
N ARG B 180 -6.63 30.26 -37.69
CA ARG B 180 -6.11 31.49 -38.26
C ARG B 180 -6.87 31.88 -39.53
N GLN B 181 -7.17 30.91 -40.40
CA GLN B 181 -7.91 31.17 -41.64
C GLN B 181 -9.35 31.64 -41.39
N ALA B 182 -9.91 31.29 -40.23
CA ALA B 182 -11.25 31.73 -39.86
C ALA B 182 -11.24 33.09 -39.12
N GLY B 183 -10.05 33.66 -38.94
CA GLY B 183 -9.89 34.96 -38.28
C GLY B 183 -9.68 34.92 -36.77
N PHE B 184 -9.24 33.79 -36.24
CA PHE B 184 -9.01 33.65 -34.80
C PHE B 184 -7.56 33.29 -34.53
N ASP B 185 -6.80 34.24 -33.98
CA ASP B 185 -5.40 33.99 -33.66
C ASP B 185 -5.37 33.20 -32.34
N TYR B 186 -5.43 31.87 -32.44
CA TYR B 186 -5.40 31.03 -31.25
C TYR B 186 -4.00 31.08 -30.62
N LYS B 187 -3.92 31.71 -29.45
CA LYS B 187 -2.66 31.85 -28.73
C LYS B 187 -2.26 30.49 -28.15
N MET B 188 -1.43 29.77 -28.91
CA MET B 188 -0.96 28.45 -28.48
C MET B 188 -0.03 28.59 -27.28
N SER B 189 -0.32 27.85 -26.22
CA SER B 189 0.52 27.83 -25.02
C SER B 189 1.86 27.13 -25.29
N ALA B 190 2.85 27.37 -24.44
CA ALA B 190 4.18 26.80 -24.60
C ALA B 190 4.09 25.29 -24.52
N GLU B 191 4.70 24.61 -25.50
CA GLU B 191 4.66 23.16 -25.59
C GLU B 191 5.45 22.48 -24.45
N LYS B 192 4.90 21.37 -23.94
CA LYS B 192 5.52 20.59 -22.87
C LYS B 192 5.99 19.22 -23.40
N ALA B 193 6.86 18.59 -22.62
CA ALA B 193 7.39 17.26 -22.93
C ALA B 193 6.45 16.12 -22.45
N TYR B 194 5.19 16.48 -22.15
CA TYR B 194 4.18 15.54 -21.69
C TYR B 194 2.80 16.20 -21.74
N SER B 195 1.76 15.37 -21.67
CA SER B 195 0.38 15.81 -21.65
C SER B 195 -0.13 15.78 -20.23
N THR B 196 -1.03 16.70 -19.90
CA THR B 196 -1.58 16.81 -18.56
C THR B 196 -3.10 16.81 -18.54
N ASP B 197 -3.67 16.08 -17.60
CA ASP B 197 -5.11 16.11 -17.35
C ASP B 197 -5.24 16.46 -15.87
N SER B 198 -6.13 17.39 -15.54
CA SER B 198 -6.25 17.79 -14.14
C SER B 198 -7.66 18.10 -13.68
N ASN B 199 -7.80 18.14 -12.36
CA ASN B 199 -9.02 18.53 -11.66
C ASN B 199 -8.61 18.80 -10.22
N MET B 200 -9.53 19.21 -9.36
CA MET B 200 -9.10 19.52 -7.99
C MET B 200 -8.74 18.31 -7.13
N LEU B 201 -9.04 17.09 -7.59
CA LEU B 201 -8.63 15.89 -6.87
C LEU B 201 -7.17 15.59 -7.16
N GLY B 202 -6.74 15.83 -8.40
CA GLY B 202 -5.37 15.56 -8.76
C GLY B 202 -5.05 15.87 -10.21
N ALA B 203 -3.79 15.66 -10.59
CA ALA B 203 -3.34 15.91 -11.95
C ALA B 203 -2.49 14.74 -12.40
N THR B 204 -2.63 14.35 -13.65
CA THR B 204 -1.86 13.24 -14.21
C THR B 204 -1.04 13.74 -15.40
N HIS B 205 0.21 13.28 -15.50
CA HIS B 205 1.10 13.64 -16.58
C HIS B 205 1.58 12.36 -17.27
N GLU B 206 1.51 12.32 -18.58
CA GLU B 206 1.90 11.13 -19.34
C GLU B 206 2.13 11.47 -20.81
N ALA B 207 2.49 10.45 -21.59
CA ALA B 207 2.75 10.57 -23.02
C ALA B 207 4.04 11.33 -23.34
N LYS B 208 4.35 11.45 -24.61
CA LYS B 208 5.55 12.13 -25.08
C LYS B 208 6.82 11.62 -24.35
N ASP B 209 7.63 12.50 -23.78
CA ASP B 209 8.87 12.07 -23.13
C ASP B 209 8.66 11.14 -21.92
N LEU B 210 7.48 11.20 -21.30
CA LEU B 210 7.19 10.32 -20.17
C LEU B 210 6.94 8.88 -20.60
N GLU B 211 6.87 8.63 -21.91
CA GLU B 211 6.74 7.26 -22.40
C GLU B 211 8.02 6.46 -22.14
N LEU B 212 9.15 7.16 -22.04
CA LEU B 212 10.43 6.51 -21.77
C LEU B 212 10.57 6.32 -20.27
N LEU B 213 10.84 5.09 -19.83
CA LEU B 213 11.00 4.84 -18.41
C LEU B 213 12.34 5.39 -17.87
N SER B 214 13.21 5.84 -18.78
CA SER B 214 14.47 6.48 -18.41
C SER B 214 14.25 7.96 -18.05
N ALA B 215 13.07 8.47 -18.39
CA ALA B 215 12.66 9.81 -17.97
C ALA B 215 11.67 9.60 -16.82
N GLY B 216 11.34 10.67 -16.11
CA GLY B 216 10.43 10.57 -14.98
C GLY B 216 10.04 11.89 -14.37
N ILE B 217 9.76 11.87 -13.07
CA ILE B 217 9.33 13.07 -12.35
C ILE B 217 10.27 14.29 -12.58
N ARG B 218 11.56 14.04 -12.79
CA ARG B 218 12.52 15.13 -13.04
C ARG B 218 12.14 16.09 -14.17
N ILE B 219 11.43 15.62 -15.19
CA ILE B 219 11.03 16.50 -16.31
C ILE B 219 9.67 17.17 -16.10
N VAL B 220 9.01 16.87 -14.99
CA VAL B 220 7.68 17.43 -14.73
C VAL B 220 7.72 18.70 -13.87
N GLN B 221 6.98 19.72 -14.32
CA GLN B 221 6.77 20.94 -13.56
C GLN B 221 5.42 20.73 -12.88
N PRO B 222 5.41 20.45 -11.56
CA PRO B 222 4.13 20.17 -10.91
C PRO B 222 3.18 21.37 -10.90
N ILE B 223 1.87 21.11 -11.01
CA ILE B 223 0.85 22.17 -11.03
C ILE B 223 -0.01 22.27 -9.77
N MET B 224 0.16 21.35 -8.83
CA MET B 224 -0.58 21.37 -7.57
C MET B 224 0.39 21.47 -6.40
N GLY B 225 1.68 21.59 -6.70
CA GLY B 225 2.68 21.65 -5.65
C GLY B 225 4.03 22.07 -6.17
N VAL B 226 5.02 22.06 -5.28
CA VAL B 226 6.37 22.46 -5.63
C VAL B 226 7.21 21.29 -6.12
N ALA B 227 8.35 21.60 -6.72
CA ALA B 227 9.32 20.59 -7.21
C ALA B 227 10.19 20.23 -6.01
N PHE B 228 9.62 19.44 -5.10
CA PHE B 228 10.25 19.06 -3.84
C PHE B 228 11.61 18.37 -3.94
N TRP B 229 11.88 17.76 -5.08
CA TRP B 229 13.13 17.04 -5.32
C TRP B 229 14.31 17.97 -5.63
N GLN B 230 14.05 19.25 -5.94
CA GLN B 230 15.13 20.21 -6.23
C GLN B 230 15.60 20.87 -4.93
N ASP B 231 16.91 20.86 -4.69
CA ASP B 231 17.49 21.47 -3.46
C ASP B 231 17.25 22.97 -3.32
N SER B 232 17.21 23.68 -4.45
CA SER B 232 16.97 25.12 -4.45
C SER B 232 15.57 25.45 -3.92
N VAL B 233 14.64 24.49 -4.01
CA VAL B 233 13.29 24.69 -3.50
C VAL B 233 13.32 24.55 -1.98
N GLN B 234 12.99 25.66 -1.31
CA GLN B 234 12.96 25.74 0.13
C GLN B 234 11.59 25.33 0.63
N ILE B 235 11.57 24.35 1.53
CA ILE B 235 10.33 23.85 2.12
C ILE B 235 10.55 23.76 3.62
N LYS B 236 9.73 24.48 4.37
CA LYS B 236 9.80 24.48 5.82
C LYS B 236 8.90 23.38 6.38
N ALA B 237 9.35 22.69 7.43
CA ALA B 237 8.55 21.66 8.08
C ALA B 237 7.24 22.32 8.56
N GLU B 238 6.12 21.61 8.46
CA GLU B 238 4.83 22.18 8.82
C GLU B 238 3.95 21.17 9.51
N GLU B 239 3.37 21.58 10.63
CA GLU B 239 2.48 20.76 11.41
C GLU B 239 1.06 20.94 10.88
N VAL B 240 0.30 19.85 10.81
CA VAL B 240 -1.07 19.89 10.30
C VAL B 240 -1.97 18.97 11.10
N THR B 241 -3.20 19.43 11.37
CA THR B 241 -4.20 18.58 12.01
C THR B 241 -5.36 18.39 11.04
N VAL B 242 -5.85 17.15 10.95
CA VAL B 242 -6.94 16.78 10.03
C VAL B 242 -7.98 16.10 10.88
N ARG B 243 -9.21 16.64 10.85
CA ARG B 243 -10.29 16.07 11.65
C ARG B 243 -11.45 15.53 10.79
N PHE B 244 -11.91 14.34 11.16
CA PHE B 244 -13.03 13.66 10.54
C PHE B 244 -14.20 13.53 11.49
N GLU B 245 -15.42 13.60 10.95
CA GLU B 245 -16.64 13.37 11.72
C GLU B 245 -17.45 12.37 10.91
N GLU B 246 -17.59 11.15 11.45
CA GLU B 246 -18.32 10.05 10.79
C GLU B 246 -17.89 9.82 9.34
N GLY B 247 -16.59 9.87 9.09
CA GLY B 247 -16.02 9.62 7.78
C GLY B 247 -15.87 10.82 6.84
N GLN B 248 -16.49 11.94 7.18
CA GLN B 248 -16.41 13.13 6.35
C GLN B 248 -15.28 14.00 6.91
N PRO B 249 -14.40 14.52 6.04
CA PRO B 249 -13.39 15.46 6.53
C PRO B 249 -14.09 16.79 6.84
N VAL B 250 -13.94 17.29 8.07
CA VAL B 250 -14.64 18.51 8.50
C VAL B 250 -13.75 19.68 8.97
N ALA B 251 -12.48 19.40 9.31
CA ALA B 251 -11.61 20.49 9.76
C ALA B 251 -10.13 20.26 9.47
N LEU B 252 -9.43 21.35 9.23
CA LEU B 252 -8.00 21.39 8.98
C LEU B 252 -7.41 22.47 9.87
N ASN B 253 -6.40 22.13 10.67
CA ASN B 253 -5.74 23.09 11.57
C ASN B 253 -6.74 23.79 12.50
N GLY B 254 -7.71 23.03 13.01
CA GLY B 254 -8.72 23.57 13.91
C GLY B 254 -9.79 24.44 13.28
N VAL B 255 -9.74 24.64 11.97
CA VAL B 255 -10.73 25.47 11.28
C VAL B 255 -11.76 24.52 10.66
N GLU B 256 -13.02 24.69 11.04
CA GLU B 256 -14.07 23.85 10.55
C GLU B 256 -14.57 24.36 9.19
N TYR B 257 -14.84 23.44 8.27
CA TYR B 257 -15.34 23.76 6.93
C TYR B 257 -16.73 23.19 6.70
N ALA B 258 -17.70 24.08 6.50
CA ALA B 258 -19.06 23.66 6.18
C ALA B 258 -19.14 23.23 4.70
N ASP B 259 -18.23 23.75 3.87
CA ASP B 259 -18.18 23.44 2.44
C ASP B 259 -16.98 22.51 2.15
N PRO B 260 -17.25 21.23 1.81
CA PRO B 260 -16.18 20.26 1.50
C PRO B 260 -15.28 20.67 0.33
N VAL B 261 -15.80 21.42 -0.63
CA VAL B 261 -14.97 21.91 -1.74
C VAL B 261 -13.89 22.84 -1.20
N GLU B 262 -14.26 23.74 -0.29
CA GLU B 262 -13.30 24.65 0.30
C GLU B 262 -12.30 23.88 1.14
N LEU B 263 -12.78 22.85 1.84
CA LEU B 263 -11.87 22.04 2.65
C LEU B 263 -10.79 21.38 1.78
N LEU B 264 -11.19 20.82 0.63
CA LEU B 264 -10.21 20.13 -0.24
C LEU B 264 -9.26 21.13 -0.87
N LEU B 265 -9.76 22.32 -1.17
CA LEU B 265 -8.92 23.37 -1.73
C LEU B 265 -7.83 23.74 -0.74
N GLU B 266 -8.15 23.76 0.55
CA GLU B 266 -7.16 24.06 1.60
C GLU B 266 -6.21 22.87 1.82
N ALA B 267 -6.75 21.66 1.74
CA ALA B 267 -5.92 20.47 1.88
C ALA B 267 -4.90 20.47 0.74
N ASN B 268 -5.36 20.82 -0.46
CA ASN B 268 -4.48 20.91 -1.63
C ASN B 268 -3.35 21.91 -1.40
N ARG B 269 -3.66 23.07 -0.82
CA ARG B 269 -2.64 24.08 -0.53
C ARG B 269 -1.59 23.57 0.47
N ILE B 270 -2.06 22.91 1.53
CA ILE B 270 -1.18 22.40 2.57
C ILE B 270 -0.24 21.33 2.01
N GLY B 271 -0.80 20.32 1.36
CA GLY B 271 0.00 19.25 0.78
C GLY B 271 0.88 19.74 -0.34
N GLY B 272 0.36 20.69 -1.12
CA GLY B 272 1.08 21.27 -2.25
C GLY B 272 2.40 21.95 -1.88
N ARG B 273 2.43 22.63 -0.73
CA ARG B 273 3.66 23.29 -0.27
C ARG B 273 4.81 22.31 -0.03
N HIS B 274 4.46 21.04 0.15
CA HIS B 274 5.46 20.01 0.44
C HIS B 274 5.69 19.02 -0.71
N GLY B 275 4.77 19.01 -1.68
CA GLY B 275 4.83 18.09 -2.79
C GLY B 275 4.28 16.72 -2.40
N LEU B 276 3.50 16.67 -1.32
CA LEU B 276 2.94 15.42 -0.80
C LEU B 276 2.06 14.72 -1.83
N GLY B 277 2.22 13.40 -1.94
CA GLY B 277 1.37 12.57 -2.78
C GLY B 277 1.80 12.25 -4.20
N MET B 278 2.94 12.78 -4.66
CA MET B 278 3.37 12.49 -6.04
C MET B 278 3.91 11.08 -6.16
N SER B 279 3.64 10.47 -7.31
CA SER B 279 4.09 9.12 -7.58
C SER B 279 4.28 8.88 -9.08
N ASP B 280 4.92 7.75 -9.37
CA ASP B 280 5.25 7.31 -10.71
C ASP B 280 4.66 5.92 -10.81
N GLN B 281 3.75 5.70 -11.75
CA GLN B 281 3.09 4.39 -11.87
C GLN B 281 3.04 3.88 -13.28
N ILE B 282 3.09 2.55 -13.38
CA ILE B 282 2.83 1.86 -14.63
C ILE B 282 1.45 1.25 -14.37
N GLU B 283 0.47 1.69 -15.15
CA GLU B 283 -0.89 1.18 -15.02
C GLU B 283 -1.28 0.29 -16.19
N ASN B 284 -2.34 -0.48 -15.98
CA ASN B 284 -2.90 -1.36 -16.99
C ASN B 284 -4.18 -0.76 -17.53
N ARG B 285 -4.12 -0.35 -18.78
CA ARG B 285 -5.29 0.22 -19.43
C ARG B 285 -6.37 -0.83 -19.63
N ILE B 286 -7.58 -0.36 -19.90
CA ILE B 286 -8.73 -1.24 -20.12
C ILE B 286 -8.45 -2.24 -21.27
N ILE B 287 -7.74 -1.78 -22.30
CA ILE B 287 -7.39 -2.62 -23.47
C ILE B 287 -6.28 -3.67 -23.22
N GLU B 288 -5.81 -3.77 -21.99
CA GLU B 288 -4.77 -4.74 -21.61
C GLU B 288 -3.40 -4.44 -22.23
N ALA B 289 -2.99 -3.18 -22.09
CA ALA B 289 -1.68 -2.70 -22.52
C ALA B 289 -1.33 -1.67 -21.45
N LYS B 290 -0.04 -1.53 -21.17
CA LYS B 290 0.38 -0.64 -20.10
C LYS B 290 0.68 0.79 -20.55
N SER B 291 0.50 1.73 -19.61
CA SER B 291 0.85 3.13 -19.84
C SER B 291 1.53 3.62 -18.57
N ARG B 292 2.25 4.73 -18.68
CA ARG B 292 3.01 5.27 -17.56
C ARG B 292 2.61 6.69 -17.26
N GLY B 293 2.50 7.00 -15.98
CA GLY B 293 2.16 8.37 -15.58
C GLY B 293 2.94 8.87 -14.37
N ILE B 294 2.94 10.19 -14.21
CA ILE B 294 3.48 10.88 -13.05
C ILE B 294 2.23 11.56 -12.50
N TYR B 295 1.94 11.36 -11.22
CA TYR B 295 0.69 11.83 -10.62
C TYR B 295 0.85 12.78 -9.45
N GLU B 296 -0.13 13.70 -9.30
CA GLU B 296 -0.21 14.64 -8.17
C GLU B 296 -1.59 14.54 -7.54
N ALA B 297 -1.66 14.64 -6.21
CA ALA B 297 -2.92 14.62 -5.46
C ALA B 297 -2.63 14.99 -4.00
N PRO B 298 -2.16 16.24 -3.76
CA PRO B 298 -1.71 16.62 -2.42
C PRO B 298 -2.78 16.62 -1.35
N GLY B 299 -3.97 17.10 -1.68
CA GLY B 299 -5.07 17.16 -0.72
C GLY B 299 -5.57 15.77 -0.35
N LEU B 300 -5.82 14.93 -1.36
CA LEU B 300 -6.29 13.57 -1.10
C LEU B 300 -5.24 12.75 -0.36
N ALA B 301 -3.96 12.96 -0.68
CA ALA B 301 -2.89 12.24 -0.01
C ALA B 301 -2.89 12.58 1.47
N LEU B 302 -3.12 13.85 1.79
CA LEU B 302 -3.19 14.30 3.17
C LEU B 302 -4.36 13.63 3.91
N LEU B 303 -5.52 13.65 3.28
CA LEU B 303 -6.71 13.05 3.89
C LEU B 303 -6.58 11.53 4.06
N PHE B 304 -5.92 10.89 3.10
CA PHE B 304 -5.70 9.43 3.11
C PHE B 304 -4.87 9.02 4.31
N ILE B 305 -3.85 9.79 4.63
CA ILE B 305 -3.01 9.48 5.78
C ILE B 305 -3.85 9.50 7.06
N ALA B 306 -4.64 10.56 7.23
CA ALA B 306 -5.45 10.72 8.41
C ALA B 306 -6.53 9.64 8.51
N TYR B 307 -7.23 9.40 7.41
CA TYR B 307 -8.31 8.42 7.38
C TYR B 307 -7.79 7.02 7.69
N GLU B 308 -6.70 6.64 7.04
CA GLU B 308 -6.11 5.34 7.25
C GLU B 308 -5.65 5.14 8.69
N ARG B 309 -4.96 6.15 9.22
CA ARG B 309 -4.46 6.07 10.58
C ARG B 309 -5.61 5.81 11.54
N LEU B 310 -6.70 6.55 11.36
CA LEU B 310 -7.89 6.36 12.21
C LEU B 310 -8.52 4.98 12.03
N VAL B 311 -8.61 4.52 10.78
CA VAL B 311 -9.14 3.16 10.50
C VAL B 311 -8.33 2.10 11.26
N THR B 312 -6.99 2.20 11.24
CA THR B 312 -6.14 1.22 11.92
C THR B 312 -6.31 1.24 13.45
N GLY B 313 -6.76 2.36 14.01
CA GLY B 313 -6.96 2.45 15.46
C GLY B 313 -8.38 2.18 15.94
N ILE B 314 -9.33 2.10 15.01
CA ILE B 314 -10.75 1.95 15.31
C ILE B 314 -11.36 0.59 14.94
N HIS B 315 -10.98 0.04 13.79
CA HIS B 315 -11.58 -1.19 13.29
C HIS B 315 -10.79 -2.45 13.55
N ASN B 316 -11.51 -3.57 13.70
CA ASN B 316 -10.88 -4.85 13.98
C ASN B 316 -10.19 -5.40 12.73
N GLU B 317 -9.40 -6.44 12.91
CA GLU B 317 -8.62 -6.98 11.79
C GLU B 317 -9.46 -7.46 10.59
N ASP B 318 -10.54 -8.20 10.87
CA ASP B 318 -11.40 -8.67 9.77
C ASP B 318 -12.02 -7.49 9.01
N THR B 319 -12.36 -6.42 9.73
CA THR B 319 -13.01 -5.27 9.10
C THR B 319 -12.02 -4.57 8.18
N ILE B 320 -10.79 -4.37 8.67
CA ILE B 320 -9.76 -3.74 7.87
C ILE B 320 -9.43 -4.58 6.64
N GLU B 321 -9.40 -5.90 6.83
CA GLU B 321 -9.14 -6.83 5.72
C GLU B 321 -10.23 -6.71 4.63
N GLN B 322 -11.50 -6.73 5.01
CA GLN B 322 -12.60 -6.58 4.04
C GLN B 322 -12.53 -5.23 3.37
N TYR B 323 -12.25 -4.19 4.17
CA TYR B 323 -12.10 -2.84 3.65
C TYR B 323 -11.05 -2.77 2.53
N ARG B 324 -9.88 -3.34 2.78
CA ARG B 324 -8.82 -3.30 1.78
C ARG B 324 -9.11 -4.20 0.58
N GLU B 325 -9.68 -5.39 0.82
CA GLU B 325 -10.09 -6.29 -0.29
C GLU B 325 -11.09 -5.58 -1.20
N ASN B 326 -12.14 -5.04 -0.58
CA ASN B 326 -13.19 -4.36 -1.33
C ASN B 326 -12.61 -3.19 -2.13
N GLY B 327 -11.68 -2.45 -1.50
CA GLY B 327 -11.10 -1.27 -2.12
C GLY B 327 -10.33 -1.54 -3.40
N ARG B 328 -9.51 -2.58 -3.40
CA ARG B 328 -8.74 -2.91 -4.59
C ARG B 328 -9.66 -3.34 -5.73
N LYS B 329 -10.72 -4.07 -5.40
N LYS B 329 -10.71 -4.08 -5.37
CA LYS B 329 -11.68 -4.51 -6.40
CA LYS B 329 -11.71 -4.55 -6.30
C LYS B 329 -12.47 -3.32 -6.95
C LYS B 329 -12.49 -3.36 -6.90
N LEU B 330 -12.88 -2.43 -6.03
CA LEU B 330 -13.64 -1.24 -6.42
C LEU B 330 -12.82 -0.28 -7.28
N GLY B 331 -11.53 -0.17 -6.96
CA GLY B 331 -10.63 0.69 -7.73
C GLY B 331 -10.58 0.30 -9.19
N ARG B 332 -10.51 -1.01 -9.44
CA ARG B 332 -10.48 -1.52 -10.79
C ARG B 332 -11.79 -1.24 -11.52
N LEU B 333 -12.92 -1.48 -10.84
CA LEU B 333 -14.24 -1.18 -11.44
C LEU B 333 -14.33 0.31 -11.79
N LEU B 334 -13.82 1.17 -10.88
CA LEU B 334 -13.81 2.61 -11.09
C LEU B 334 -13.00 2.96 -12.33
N TYR B 335 -11.81 2.37 -12.44
CA TYR B 335 -10.91 2.60 -13.59
C TYR B 335 -11.55 2.19 -14.93
N GLN B 336 -12.36 1.13 -14.89
CA GLN B 336 -13.05 0.60 -16.08
C GLN B 336 -14.26 1.43 -16.52
N GLY B 337 -14.70 2.35 -15.67
CA GLY B 337 -15.86 3.18 -15.94
C GLY B 337 -17.15 2.58 -15.39
N ARG B 338 -17.01 1.65 -14.43
CA ARG B 338 -18.16 0.96 -13.84
C ARG B 338 -18.48 1.40 -12.42
N TRP B 339 -18.14 2.65 -12.11
CA TRP B 339 -18.35 3.23 -10.80
C TRP B 339 -19.83 3.23 -10.36
N PHE B 340 -20.77 3.34 -11.31
CA PHE B 340 -22.21 3.34 -10.97
C PHE B 340 -22.91 1.98 -11.19
N ASP B 341 -22.14 0.94 -11.53
CA ASP B 341 -22.73 -0.37 -11.74
C ASP B 341 -23.00 -1.05 -10.37
N PRO B 342 -23.94 -2.01 -10.35
CA PRO B 342 -24.35 -2.64 -9.07
C PRO B 342 -23.21 -3.21 -8.25
N GLN B 343 -22.30 -3.91 -8.91
CA GLN B 343 -21.17 -4.51 -8.22
C GLN B 343 -20.27 -3.47 -7.55
N ALA B 344 -20.21 -2.26 -8.12
CA ALA B 344 -19.42 -1.17 -7.54
C ALA B 344 -20.18 -0.55 -6.36
N ILE B 345 -21.48 -0.33 -6.56
CA ILE B 345 -22.35 0.22 -5.51
C ILE B 345 -22.23 -0.60 -4.23
N MET B 346 -22.27 -1.92 -4.35
CA MET B 346 -22.16 -2.83 -3.20
C MET B 346 -20.92 -2.52 -2.38
N LEU B 347 -19.76 -2.49 -3.05
CA LEU B 347 -18.48 -2.25 -2.38
C LEU B 347 -18.43 -0.85 -1.74
N ARG B 348 -18.87 0.12 -2.52
CA ARG B 348 -18.87 1.49 -2.09
C ARG B 348 -19.76 1.78 -0.89
N GLU B 349 -20.99 1.25 -0.88
CA GLU B 349 -21.92 1.55 0.21
C GLU B 349 -21.45 0.88 1.51
N THR B 350 -20.92 -0.33 1.39
CA THR B 350 -20.37 -1.07 2.52
C THR B 350 -19.33 -0.25 3.28
N ALA B 351 -18.43 0.40 2.56
CA ALA B 351 -17.40 1.23 3.18
C ALA B 351 -17.98 2.51 3.77
N GLN B 352 -18.86 3.17 3.03
CA GLN B 352 -19.48 4.41 3.49
C GLN B 352 -20.26 4.21 4.78
N ARG B 353 -20.87 3.05 4.93
CA ARG B 353 -21.64 2.75 6.12
C ARG B 353 -20.82 2.13 7.27
N TRP B 354 -20.33 0.92 7.09
CA TRP B 354 -19.69 0.20 8.21
C TRP B 354 -18.23 0.55 8.50
N VAL B 355 -17.53 1.17 7.55
CA VAL B 355 -16.14 1.54 7.80
C VAL B 355 -16.05 3.02 8.18
N ALA B 356 -16.51 3.88 7.27
CA ALA B 356 -16.41 5.34 7.42
C ALA B 356 -17.20 5.98 8.56
N ARG B 357 -18.41 5.52 8.87
CA ARG B 357 -19.24 6.17 9.90
C ARG B 357 -18.65 6.14 11.30
N ALA B 358 -17.75 5.20 11.56
CA ALA B 358 -17.08 5.10 12.84
C ALA B 358 -15.83 6.00 12.89
N ILE B 359 -15.44 6.60 11.75
CA ILE B 359 -14.23 7.40 11.68
C ILE B 359 -14.48 8.84 12.09
N THR B 360 -14.44 9.04 13.41
CA THR B 360 -14.59 10.35 14.02
C THR B 360 -13.31 10.50 14.83
N GLY B 361 -12.50 11.51 14.50
CA GLY B 361 -11.24 11.70 15.20
C GLY B 361 -10.34 12.71 14.52
N GLU B 362 -9.14 12.84 15.04
CA GLU B 362 -8.20 13.81 14.53
C GLU B 362 -6.76 13.27 14.54
N VAL B 363 -6.06 13.48 13.43
CA VAL B 363 -4.67 13.05 13.26
C VAL B 363 -3.79 14.30 13.07
N THR B 364 -2.66 14.31 13.78
CA THR B 364 -1.72 15.42 13.72
C THR B 364 -0.43 14.89 13.10
N LEU B 365 0.09 15.61 12.10
CA LEU B 365 1.31 15.19 11.43
C LEU B 365 2.21 16.36 11.07
N GLU B 366 3.46 16.02 10.72
CA GLU B 366 4.44 17.00 10.29
C GLU B 366 4.86 16.63 8.87
N LEU B 367 4.69 17.57 7.95
CA LEU B 367 5.05 17.38 6.56
C LEU B 367 6.39 18.04 6.27
N ARG B 368 7.22 17.35 5.51
CA ARG B 368 8.52 17.87 5.12
C ARG B 368 8.55 17.95 3.60
N ARG B 369 9.31 17.08 2.93
CA ARG B 369 9.40 17.14 1.46
C ARG B 369 8.83 15.86 0.85
N GLY B 370 8.07 16.01 -0.23
CA GLY B 370 7.47 14.87 -0.93
C GLY B 370 6.66 14.01 0.02
N ASN B 371 6.93 12.72 0.02
CA ASN B 371 6.21 11.78 0.89
C ASN B 371 6.91 11.53 2.22
N ASP B 372 7.81 12.44 2.60
CA ASP B 372 8.48 12.35 3.90
C ASP B 372 7.63 13.15 4.89
N TYR B 373 7.04 12.44 5.84
CA TYR B 373 6.23 13.04 6.89
C TYR B 373 6.30 12.17 8.14
N SER B 374 5.84 12.73 9.27
CA SER B 374 5.77 12.02 10.54
C SER B 374 4.41 12.18 11.19
N LEU B 375 3.94 11.12 11.86
CA LEU B 375 2.70 11.19 12.62
C LEU B 375 3.07 11.70 14.02
N LEU B 376 2.31 12.68 14.51
CA LEU B 376 2.55 13.27 15.83
C LEU B 376 1.51 12.90 16.89
N ASN B 377 0.27 12.70 16.46
CA ASN B 377 -0.80 12.35 17.41
C ASN B 377 -1.99 11.76 16.66
N THR B 378 -2.75 10.93 17.37
CA THR B 378 -3.93 10.28 16.83
C THR B 378 -4.93 10.28 17.98
N GLU B 379 -6.11 10.86 17.76
CA GLU B 379 -7.15 10.98 18.80
C GLU B 379 -8.51 10.58 18.26
N SER B 380 -9.27 9.84 19.06
CA SER B 380 -10.61 9.45 18.69
C SER B 380 -11.31 8.78 19.83
N ALA B 381 -12.55 9.18 20.06
CA ALA B 381 -13.40 8.57 21.08
C ALA B 381 -13.77 7.14 20.66
N ASN B 382 -13.62 6.83 19.38
CA ASN B 382 -13.96 5.50 18.84
C ASN B 382 -12.78 4.53 18.77
N LEU B 383 -11.61 4.93 19.26
CA LEU B 383 -10.46 4.04 19.22
C LEU B 383 -10.71 2.77 19.99
N THR B 384 -10.24 1.66 19.45
CA THR B 384 -10.27 0.39 20.17
C THR B 384 -8.85 0.13 20.67
N TYR B 385 -7.91 0.93 20.20
CA TYR B 385 -6.55 0.91 20.73
C TYR B 385 -6.68 1.37 22.17
N ALA B 386 -6.22 0.55 23.11
CA ALA B 386 -6.40 0.85 24.53
C ALA B 386 -5.46 0.01 25.38
N PRO B 387 -4.18 0.44 25.50
CA PRO B 387 -3.22 -0.33 26.30
C PRO B 387 -3.65 -0.49 27.77
N GLU B 388 -4.45 0.45 28.29
CA GLU B 388 -4.93 0.36 29.68
C GLU B 388 -5.85 -0.86 29.91
N ARG B 389 -6.57 -1.31 28.88
CA ARG B 389 -7.41 -2.52 29.00
C ARG B 389 -6.56 -3.81 29.04
N LEU B 390 -5.32 -3.71 28.56
CA LEU B 390 -4.35 -4.82 28.58
C LEU B 390 -3.50 -4.82 29.85
N SER B 391 -3.69 -3.80 30.70
CA SER B 391 -2.92 -3.67 31.94
C SER B 391 -3.17 -4.81 32.93
N MET B 392 -2.07 -5.45 33.34
CA MET B 392 -2.06 -6.54 34.30
C MET B 392 -1.62 -6.03 35.67
N GLU B 393 -1.65 -4.70 35.86
CA GLU B 393 -1.20 -4.06 37.10
C GLU B 393 -1.97 -4.57 38.32
N LYS B 394 -3.30 -4.64 38.19
CA LYS B 394 -4.16 -5.12 39.28
C LYS B 394 -4.83 -6.43 38.87
N VAL B 395 -4.97 -7.34 39.83
CA VAL B 395 -5.63 -8.63 39.60
C VAL B 395 -7.11 -8.41 39.27
N GLU B 396 -7.69 -7.36 39.86
CA GLU B 396 -9.11 -7.04 39.69
C GLU B 396 -9.45 -6.44 38.31
N ASN B 397 -8.42 -6.01 37.56
CA ASN B 397 -8.61 -5.39 36.23
C ASN B 397 -8.05 -6.20 35.04
N ALA B 398 -7.14 -7.15 35.31
CA ALA B 398 -6.55 -7.95 34.22
C ALA B 398 -7.60 -8.72 33.42
N PRO B 399 -7.55 -8.64 32.07
CA PRO B 399 -8.55 -9.36 31.25
C PRO B 399 -8.32 -10.86 31.21
N PHE B 400 -7.08 -11.29 31.32
CA PHE B 400 -6.76 -12.72 31.37
C PHE B 400 -5.54 -12.96 32.25
N THR B 401 -5.37 -14.21 32.68
CA THR B 401 -4.23 -14.59 33.54
C THR B 401 -3.19 -15.37 32.71
N PRO B 402 -2.00 -15.60 33.28
CA PRO B 402 -1.02 -16.43 32.58
C PRO B 402 -1.55 -17.85 32.32
N ALA B 403 -2.22 -18.43 33.31
CA ALA B 403 -2.81 -19.77 33.17
C ALA B 403 -3.85 -19.83 32.02
N ASP B 404 -4.62 -18.76 31.85
CA ASP B 404 -5.61 -18.69 30.76
C ASP B 404 -4.93 -18.80 29.40
N ARG B 405 -3.78 -18.13 29.23
CA ARG B 405 -3.05 -18.16 27.96
C ARG B 405 -2.54 -19.57 27.66
N ILE B 406 -2.07 -20.27 28.69
CA ILE B 406 -1.64 -21.67 28.52
C ILE B 406 -2.80 -22.50 28.01
N GLY B 407 -3.99 -22.26 28.53
CA GLY B 407 -5.19 -22.97 28.09
C GLY B 407 -5.42 -22.77 26.60
N GLN B 408 -5.25 -21.54 26.14
CA GLN B 408 -5.38 -21.19 24.72
C GLN B 408 -4.39 -21.96 23.87
N LEU B 409 -3.12 -22.03 24.31
CA LEU B 409 -2.10 -22.76 23.56
C LEU B 409 -2.45 -24.23 23.38
N THR B 410 -3.00 -24.85 24.42
CA THR B 410 -3.31 -26.27 24.35
C THR B 410 -4.34 -26.57 23.27
N MET B 411 -5.18 -25.59 22.95
CA MET B 411 -6.19 -25.75 21.91
C MET B 411 -5.57 -25.84 20.48
N ARG B 412 -4.31 -25.46 20.32
CA ARG B 412 -3.63 -25.50 19.03
C ARG B 412 -3.05 -26.87 18.65
N ASN B 413 -2.79 -27.74 19.64
CA ASN B 413 -2.06 -29.00 19.39
C ASN B 413 -2.56 -29.90 18.28
N LEU B 414 -3.87 -30.14 18.22
CA LEU B 414 -4.39 -31.06 17.23
C LEU B 414 -4.04 -30.63 15.80
N ASP B 415 -4.27 -29.37 15.48
CA ASP B 415 -3.97 -28.87 14.13
C ASP B 415 -2.47 -28.78 13.88
N ILE B 416 -1.69 -28.50 14.92
CA ILE B 416 -0.22 -28.48 14.79
C ILE B 416 0.29 -29.85 14.37
N VAL B 417 -0.21 -30.92 15.00
CA VAL B 417 0.19 -32.28 14.65
C VAL B 417 -0.25 -32.56 13.19
N ASP B 418 -1.45 -32.12 12.82
CA ASP B 418 -1.94 -32.31 11.44
C ASP B 418 -1.01 -31.63 10.43
N THR B 419 -0.59 -30.40 10.74
CA THR B 419 0.33 -29.69 9.86
C THR B 419 1.71 -30.39 9.79
N ARG B 420 2.26 -30.83 10.92
CA ARG B 420 3.55 -31.53 10.91
C ARG B 420 3.45 -32.77 10.02
N GLU B 421 2.35 -33.50 10.15
CA GLU B 421 2.12 -34.70 9.33
C GLU B 421 1.98 -34.33 7.84
N LYS B 422 1.36 -33.20 7.53
CA LYS B 422 1.31 -32.73 6.13
C LYS B 422 2.72 -32.50 5.58
N LEU B 423 3.58 -31.87 6.39
CA LEU B 423 4.93 -31.59 5.96
C LEU B 423 5.67 -32.90 5.58
N PHE B 424 5.52 -33.93 6.41
CA PHE B 424 6.13 -35.27 6.15
C PHE B 424 5.53 -35.89 4.89
N THR B 425 4.23 -35.72 4.69
CA THR B 425 3.55 -36.23 3.49
C THR B 425 4.06 -35.50 2.25
N TYR B 426 4.27 -34.19 2.38
CA TYR B 426 4.75 -33.41 1.23
C TYR B 426 6.19 -33.79 0.84
N VAL B 427 7.03 -34.15 1.82
CA VAL B 427 8.39 -34.62 1.51
C VAL B 427 8.32 -35.96 0.75
N LYS B 428 7.49 -36.88 1.23
CA LYS B 428 7.33 -38.20 0.59
C LYS B 428 6.86 -38.15 -0.86
N THR B 429 5.97 -37.22 -1.18
CA THR B 429 5.46 -37.05 -2.53
C THR B 429 6.39 -36.16 -3.38
N GLY B 430 7.49 -35.69 -2.81
CA GLY B 430 8.45 -34.88 -3.57
C GLY B 430 8.15 -33.40 -3.77
N LEU B 431 7.10 -32.88 -3.11
CA LEU B 431 6.77 -31.44 -3.22
C LEU B 431 7.72 -30.57 -2.41
N LEU B 432 8.10 -31.04 -1.23
CA LEU B 432 9.03 -30.32 -0.36
C LEU B 432 10.35 -31.09 -0.22
N ALA B 433 11.45 -30.33 -0.09
CA ALA B 433 12.79 -30.90 0.10
C ALA B 433 12.95 -31.31 1.56
N PRO B 434 13.67 -32.43 1.81
CA PRO B 434 13.85 -32.87 3.21
C PRO B 434 14.52 -31.81 4.10
N SER B 435 14.32 -31.94 5.42
N SER B 435 14.32 -31.94 5.41
CA SER B 435 14.90 -31.03 6.41
CA SER B 435 14.90 -31.02 6.39
C SER B 435 16.41 -31.22 6.52
C SER B 435 16.41 -31.22 6.52
N ALA B 436 16.83 -32.44 6.87
CA ALA B 436 18.25 -32.78 7.03
C ALA B 436 18.96 -32.86 5.68
N GLY B 437 20.29 -32.71 5.73
CA GLY B 437 21.12 -32.78 4.54
C GLY B 437 22.58 -33.10 4.83
N SER B 438 23.46 -32.73 3.88
CA SER B 438 24.92 -32.96 3.98
C SER B 438 25.68 -31.62 4.24
N ALA B 439 26.95 -31.73 4.62
CA ALA B 439 27.84 -30.57 4.83
C ALA B 439 28.37 -29.98 3.51
N LEU B 440 28.23 -30.74 2.42
CA LEU B 440 28.62 -30.33 1.07
C LEU B 440 27.43 -30.51 0.16
N PRO B 441 27.43 -29.82 -1.01
CA PRO B 441 26.32 -29.99 -1.98
C PRO B 441 26.07 -31.48 -2.28
N GLN B 442 24.79 -31.86 -2.28
CA GLN B 442 24.37 -33.26 -2.39
C GLN B 442 23.51 -33.62 -3.62
N ILE B 443 23.59 -34.90 -3.98
CA ILE B 443 22.82 -35.47 -5.10
C ILE B 443 21.33 -35.48 -4.71
N LYS B 444 20.48 -35.01 -5.62
CA LYS B 444 19.03 -34.96 -5.37
C LYS B 444 18.30 -36.13 -6.01
N ASP B 445 16.99 -36.24 -5.76
CA ASP B 445 16.17 -37.32 -6.35
C ASP B 445 15.86 -36.96 -7.81
#